data_7M63
#
_entry.id   7M63
#
_cell.length_a   84.910
_cell.length_b   92.070
_cell.length_c   128.290
_cell.angle_alpha   90.000
_cell.angle_beta   90.000
_cell.angle_gamma   90.000
#
_symmetry.space_group_name_H-M   'P 21 21 21'
#
loop_
_entity.id
_entity.type
_entity.pdbx_description
1 polymer 'Indoleamine 2,3-dioxygenase 1'
2 non-polymer (2R)-N-(4-chlorophenyl)-2-[(1R,3S,5S,6r)-3-(5,6-difluoro-1H-benzimidazol-1-yl)bicyclo[3.1.0]hexan-6-yl]propanamide
#
_entity_poly.entity_id   1
_entity_poly.type   'polypeptide(L)'
_entity_poly.pdbx_seq_one_letter_code
;MHHHHHHSSGLVPRGSHMISKEYHIDEEVGFALPNPQENLPDFYNDWMFIAKHLPDLIESGQLRERVEKLNMLSIDHLTD
HKSQRLARLVLGCITMAYVWGKGHGDVRKVLPRNIAVPYCQLSKKLELPPILVYADCVLANWKKKDPNKPLTYENMDVLF
SFRDGDCSKGFFLVSLLVEIAAASAIKVIPTVFKAMQMQERDTLLKALLEIASCLEKALQVFHQIHDHVNPKAFFSVLRI
YLSGWKGNPQLSDGLVYEGFWEDPKEFAGGSAGQSSVFQCFDVLLGIQQTAGGGHAAQFLQDMRRYMPPAHRNFLCSLES
NPSVREFVLSKGDAGLREAYDACVKALVSLRSYHLQIVTKYILIPASQQPKENKTSEDPSKLEAKGTGGTDLMNFLKTVR
STTEKSLLKEG
;
_entity_poly.pdbx_strand_id   A,B
#
# COMPACT_ATOMS: atom_id res chain seq x y z
N ILE A 19 7.70 -21.40 -12.19
CA ILE A 19 6.26 -21.47 -12.34
C ILE A 19 5.56 -20.86 -11.12
N SER A 20 4.59 -20.00 -11.37
CA SER A 20 3.89 -19.32 -10.29
C SER A 20 2.93 -20.28 -9.58
N LYS A 21 2.66 -19.96 -8.32
CA LYS A 21 1.92 -20.87 -7.44
C LYS A 21 0.43 -20.54 -7.46
N GLU A 22 -0.18 -20.42 -6.28
CA GLU A 22 -1.62 -20.16 -6.18
C GLU A 22 -1.92 -18.66 -6.22
N TYR A 23 -1.28 -17.96 -7.16
CA TYR A 23 -1.56 -16.55 -7.39
C TYR A 23 -2.58 -16.33 -8.49
N HIS A 24 -3.21 -17.41 -8.97
CA HIS A 24 -4.22 -17.35 -10.03
C HIS A 24 -3.70 -16.60 -11.25
N ILE A 25 -2.42 -16.81 -11.56
CA ILE A 25 -1.80 -16.30 -12.77
C ILE A 25 -1.75 -17.44 -13.77
N ASP A 26 -2.34 -17.23 -14.94
CA ASP A 26 -2.41 -18.25 -15.98
C ASP A 26 -1.23 -18.10 -16.93
N GLU A 27 -0.58 -19.21 -17.26
CA GLU A 27 0.55 -19.19 -18.17
C GLU A 27 0.15 -18.80 -19.60
N GLU A 28 -1.14 -18.80 -19.92
CA GLU A 28 -1.63 -18.46 -21.24
C GLU A 28 -2.18 -17.03 -21.32
N VAL A 29 -3.03 -16.65 -20.38
CA VAL A 29 -3.67 -15.33 -20.41
C VAL A 29 -3.17 -14.40 -19.33
N GLY A 30 -2.35 -14.87 -18.40
CA GLY A 30 -1.76 -13.99 -17.40
C GLY A 30 -2.68 -13.69 -16.23
N PHE A 31 -3.01 -12.41 -16.06
CA PHE A 31 -3.84 -12.02 -14.93
C PHE A 31 -5.32 -12.18 -15.22
N ALA A 32 -5.72 -12.29 -16.48
CA ALA A 32 -7.13 -12.41 -16.82
C ALA A 32 -7.65 -13.79 -16.42
N LEU A 33 -8.97 -13.86 -16.25
CA LEU A 33 -9.60 -15.12 -15.90
C LEU A 33 -9.51 -16.07 -17.08
N PRO A 34 -8.98 -17.28 -16.90
CA PRO A 34 -8.90 -18.24 -18.02
C PRO A 34 -10.24 -18.91 -18.29
N ASN A 35 -10.78 -18.67 -19.50
CA ASN A 35 -12.07 -19.18 -19.92
C ASN A 35 -13.15 -18.84 -18.89
N PRO A 36 -13.62 -17.59 -18.86
CA PRO A 36 -14.62 -17.21 -17.87
C PRO A 36 -16.00 -17.75 -18.22
N GLN A 37 -16.80 -17.95 -17.18
CA GLN A 37 -18.17 -18.41 -17.34
C GLN A 37 -19.01 -17.34 -18.03
N GLU A 38 -20.02 -17.79 -18.78
CA GLU A 38 -20.97 -16.86 -19.39
C GLU A 38 -22.32 -16.83 -18.70
N ASN A 39 -22.66 -17.85 -17.93
CA ASN A 39 -24.00 -17.96 -17.37
C ASN A 39 -23.94 -18.46 -15.94
N LEU A 40 -24.69 -17.81 -15.07
CA LEU A 40 -24.91 -18.27 -13.71
C LEU A 40 -25.94 -19.40 -13.73
N PRO A 41 -26.15 -20.09 -12.60
CA PRO A 41 -27.25 -21.04 -12.53
C PRO A 41 -28.59 -20.37 -12.81
N ASP A 42 -29.58 -21.20 -13.16
CA ASP A 42 -30.89 -20.67 -13.52
C ASP A 42 -31.56 -19.93 -12.37
N PHE A 43 -31.07 -20.10 -11.14
CA PHE A 43 -31.58 -19.34 -10.01
C PHE A 43 -31.37 -17.84 -10.21
N TYR A 44 -30.30 -17.46 -10.90
CA TYR A 44 -29.98 -16.05 -11.14
C TYR A 44 -30.35 -15.62 -12.55
N ASN A 45 -31.58 -15.93 -12.98
CA ASN A 45 -32.06 -15.42 -14.26
C ASN A 45 -32.48 -13.97 -14.20
N ASP A 46 -32.77 -13.45 -13.00
CA ASP A 46 -33.17 -12.05 -12.87
C ASP A 46 -31.98 -11.12 -13.08
N TRP A 47 -30.83 -11.47 -12.51
CA TRP A 47 -29.64 -10.62 -12.68
C TRP A 47 -29.08 -10.74 -14.09
N MET A 48 -29.02 -11.95 -14.64
CA MET A 48 -28.49 -12.14 -15.98
C MET A 48 -29.36 -11.47 -17.03
N PHE A 49 -30.66 -11.39 -16.80
CA PHE A 49 -31.56 -10.80 -17.78
C PHE A 49 -31.32 -9.29 -17.91
N ILE A 50 -31.20 -8.60 -16.77
CA ILE A 50 -31.03 -7.15 -16.80
C ILE A 50 -29.70 -6.78 -17.43
N ALA A 51 -28.66 -7.57 -17.18
CA ALA A 51 -27.32 -7.23 -17.69
C ALA A 51 -27.18 -7.53 -19.18
N LYS A 52 -27.73 -8.65 -19.64
CA LYS A 52 -27.57 -9.03 -21.04
C LYS A 52 -28.28 -8.07 -21.99
N HIS A 53 -29.21 -7.26 -21.49
CA HIS A 53 -29.96 -6.32 -22.32
C HIS A 53 -29.75 -4.88 -21.88
N LEU A 54 -28.56 -4.57 -21.37
CA LEU A 54 -28.31 -3.24 -20.83
C LEU A 54 -28.49 -2.10 -21.82
N PRO A 55 -28.04 -2.19 -23.09
CA PRO A 55 -28.24 -1.05 -23.99
C PRO A 55 -29.69 -0.65 -24.20
N ASP A 56 -30.63 -1.56 -23.98
CA ASP A 56 -32.04 -1.25 -24.20
C ASP A 56 -32.75 -0.76 -22.94
N LEU A 57 -32.41 -1.32 -21.77
CA LEU A 57 -33.08 -0.90 -20.55
C LEU A 57 -32.63 0.47 -20.08
N ILE A 58 -31.37 0.84 -20.37
CA ILE A 58 -30.91 2.18 -20.03
C ILE A 58 -31.64 3.22 -20.88
N GLU A 59 -31.78 2.97 -22.18
CA GLU A 59 -32.46 3.92 -23.05
C GLU A 59 -33.96 3.94 -22.80
N SER A 60 -34.55 2.81 -22.43
CA SER A 60 -35.99 2.74 -22.19
C SER A 60 -36.40 3.33 -20.86
N GLY A 61 -35.46 3.60 -19.96
CA GLY A 61 -35.79 4.16 -18.66
C GLY A 61 -36.26 3.17 -17.64
N GLN A 62 -36.43 1.90 -18.00
CA GLN A 62 -36.92 0.88 -17.08
C GLN A 62 -35.81 0.07 -16.43
N LEU A 63 -34.55 0.35 -16.75
CA LEU A 63 -33.44 -0.28 -16.02
C LEU A 63 -33.54 -0.01 -14.53
N ARG A 64 -33.60 1.28 -14.16
CA ARG A 64 -33.67 1.67 -12.76
C ARG A 64 -34.95 1.18 -12.11
N GLU A 65 -36.03 1.02 -12.89
CA GLU A 65 -37.25 0.39 -12.38
C GLU A 65 -37.01 -1.09 -12.10
N ARG A 66 -36.49 -1.82 -13.09
CA ARG A 66 -36.24 -3.25 -12.92
C ARG A 66 -35.12 -3.54 -11.94
N VAL A 67 -34.33 -2.54 -11.55
CA VAL A 67 -33.44 -2.72 -10.41
C VAL A 67 -34.23 -2.55 -9.11
N GLU A 68 -35.24 -1.68 -9.09
CA GLU A 68 -36.06 -1.50 -7.90
C GLU A 68 -37.00 -2.68 -7.70
N LYS A 69 -37.65 -3.15 -8.76
CA LYS A 69 -38.52 -4.34 -8.64
C LYS A 69 -37.69 -5.61 -8.78
N LEU A 70 -36.76 -5.77 -7.85
CA LEU A 70 -35.95 -6.97 -7.70
C LEU A 70 -36.11 -7.51 -6.28
N ASN A 71 -35.80 -8.78 -6.12
CA ASN A 71 -35.77 -9.40 -4.80
C ASN A 71 -34.33 -9.54 -4.32
N MET A 72 -34.18 -9.61 -3.00
CA MET A 72 -32.86 -9.77 -2.39
C MET A 72 -32.49 -11.24 -2.47
N LEU A 73 -31.70 -11.61 -3.48
CA LEU A 73 -31.29 -12.99 -3.67
C LEU A 73 -30.11 -13.32 -2.77
N SER A 74 -29.72 -14.60 -2.78
CA SER A 74 -28.65 -15.11 -1.94
C SER A 74 -27.40 -15.36 -2.77
N ILE A 75 -26.24 -15.10 -2.16
CA ILE A 75 -24.96 -15.34 -2.81
C ILE A 75 -24.50 -16.79 -2.66
N ASP A 76 -25.14 -17.55 -1.76
CA ASP A 76 -24.65 -18.87 -1.39
C ASP A 76 -24.64 -19.86 -2.56
N HIS A 77 -25.51 -19.66 -3.56
CA HIS A 77 -25.53 -20.57 -4.70
C HIS A 77 -24.31 -20.42 -5.60
N LEU A 78 -23.44 -19.44 -5.34
CA LEU A 78 -22.23 -19.23 -6.12
C LEU A 78 -21.09 -20.00 -5.46
N THR A 79 -20.82 -21.21 -5.94
CA THR A 79 -19.86 -22.10 -5.32
C THR A 79 -18.46 -21.93 -5.91
N ASP A 80 -18.33 -22.14 -7.22
CA ASP A 80 -17.02 -22.11 -7.86
C ASP A 80 -16.58 -20.68 -8.15
N HIS A 81 -15.28 -20.54 -8.38
CA HIS A 81 -14.66 -19.22 -8.51
C HIS A 81 -15.20 -18.46 -9.72
N LYS A 82 -15.22 -19.12 -10.88
CA LYS A 82 -15.63 -18.45 -12.11
C LYS A 82 -17.06 -17.95 -12.07
N SER A 83 -17.90 -18.53 -11.20
CA SER A 83 -19.28 -18.08 -11.10
C SER A 83 -19.39 -16.78 -10.30
N GLN A 84 -18.61 -16.66 -9.22
CA GLN A 84 -18.69 -15.45 -8.41
C GLN A 84 -18.17 -14.23 -9.15
N ARG A 85 -17.12 -14.41 -9.96
CA ARG A 85 -16.58 -13.30 -10.75
C ARG A 85 -17.63 -12.77 -11.72
N LEU A 86 -18.32 -13.66 -12.43
CA LEU A 86 -19.40 -13.24 -13.31
C LEU A 86 -20.49 -12.52 -12.53
N ALA A 87 -20.85 -13.04 -11.36
CA ALA A 87 -21.87 -12.39 -10.55
C ALA A 87 -21.41 -11.03 -10.05
N ARG A 88 -20.10 -10.85 -9.83
CA ARG A 88 -19.57 -9.51 -9.62
C ARG A 88 -19.62 -8.70 -10.92
N LEU A 89 -19.42 -9.36 -12.06
CA LEU A 89 -19.43 -8.65 -13.34
C LEU A 89 -20.84 -8.20 -13.70
N VAL A 90 -21.84 -9.08 -13.54
CA VAL A 90 -23.20 -8.69 -13.89
C VAL A 90 -23.71 -7.62 -12.94
N LEU A 91 -23.39 -7.74 -11.65
CA LEU A 91 -23.86 -6.76 -10.68
C LEU A 91 -23.11 -5.45 -10.79
N GLY A 92 -21.82 -5.51 -11.15
CA GLY A 92 -21.05 -4.29 -11.31
C GLY A 92 -21.59 -3.41 -12.44
N CYS A 93 -21.98 -4.02 -13.55
CA CYS A 93 -22.50 -3.24 -14.67
C CYS A 93 -23.86 -2.64 -14.35
N ILE A 94 -24.70 -3.37 -13.62
CA ILE A 94 -26.00 -2.84 -13.23
C ILE A 94 -25.84 -1.62 -12.33
N THR A 95 -24.89 -1.69 -11.39
CA THR A 95 -24.67 -0.58 -10.46
C THR A 95 -24.25 0.68 -11.21
N MET A 96 -23.24 0.56 -12.08
CA MET A 96 -22.82 1.72 -12.86
C MET A 96 -23.95 2.20 -13.78
N ALA A 97 -24.74 1.27 -14.30
CA ALA A 97 -25.86 1.66 -15.16
C ALA A 97 -26.98 2.29 -14.34
N TYR A 98 -27.21 1.79 -13.13
CA TYR A 98 -28.28 2.33 -12.30
C TYR A 98 -27.93 3.71 -11.77
N VAL A 99 -26.73 3.86 -11.19
CA VAL A 99 -26.36 5.12 -10.56
C VAL A 99 -26.26 6.23 -11.61
N TRP A 100 -25.80 5.90 -12.81
CA TRP A 100 -25.59 6.92 -13.84
C TRP A 100 -26.74 7.01 -14.83
N GLY A 101 -27.58 5.99 -14.94
CA GLY A 101 -28.73 6.07 -15.84
C GLY A 101 -28.29 6.18 -17.28
N LYS A 102 -28.91 7.11 -18.01
CA LYS A 102 -28.48 7.38 -19.38
C LYS A 102 -27.15 8.11 -19.44
N GLY A 103 -26.64 8.59 -18.32
CA GLY A 103 -25.34 9.24 -18.28
C GLY A 103 -25.36 10.70 -18.68
N HIS A 104 -26.26 11.48 -18.07
CA HIS A 104 -26.34 12.90 -18.35
C HIS A 104 -26.57 13.77 -17.13
N GLY A 105 -26.70 13.19 -15.94
CA GLY A 105 -26.84 14.00 -14.73
C GLY A 105 -27.79 13.44 -13.70
N ASP A 106 -28.76 12.63 -14.12
CA ASP A 106 -29.75 12.06 -13.22
C ASP A 106 -29.10 10.93 -12.42
N VAL A 107 -28.30 11.32 -11.42
CA VAL A 107 -27.53 10.38 -10.62
C VAL A 107 -28.38 9.86 -9.47
N ARG A 108 -28.40 8.55 -9.29
CA ARG A 108 -29.04 7.91 -8.15
C ARG A 108 -27.99 7.73 -7.06
N LYS A 109 -28.06 8.58 -6.03
CA LYS A 109 -27.10 8.51 -4.93
C LYS A 109 -27.42 7.39 -3.95
N VAL A 110 -28.40 6.53 -4.24
CA VAL A 110 -28.78 5.42 -3.38
C VAL A 110 -28.84 4.16 -4.22
N LEU A 111 -28.27 3.07 -3.69
CA LEU A 111 -28.40 1.76 -4.33
C LEU A 111 -29.46 0.94 -3.59
N PRO A 112 -30.46 0.42 -4.30
CA PRO A 112 -31.54 -0.30 -3.61
C PRO A 112 -31.06 -1.58 -2.95
N ARG A 113 -31.73 -1.94 -1.86
CA ARG A 113 -31.25 -3.02 -0.99
C ARG A 113 -31.26 -4.37 -1.68
N ASN A 114 -32.31 -4.65 -2.46
CA ASN A 114 -32.40 -5.95 -3.14
C ASN A 114 -31.26 -6.18 -4.12
N ILE A 115 -30.47 -5.15 -4.42
CA ILE A 115 -29.27 -5.32 -5.23
C ILE A 115 -28.02 -4.78 -4.56
N ALA A 116 -28.13 -3.95 -3.52
CA ALA A 116 -26.92 -3.41 -2.88
C ALA A 116 -26.27 -4.43 -1.95
N VAL A 117 -27.05 -5.15 -1.17
CA VAL A 117 -26.50 -6.07 -0.18
C VAL A 117 -26.06 -7.40 -0.80
N PRO A 118 -26.62 -7.88 -1.92
CA PRO A 118 -25.99 -9.05 -2.55
C PRO A 118 -24.69 -8.71 -3.25
N TYR A 119 -24.57 -7.50 -3.80
CA TYR A 119 -23.32 -7.07 -4.43
C TYR A 119 -22.24 -6.79 -3.39
N CYS A 120 -22.63 -6.32 -2.21
CA CYS A 120 -21.66 -6.08 -1.14
C CYS A 120 -21.25 -7.38 -0.45
N GLN A 121 -22.14 -8.37 -0.40
CA GLN A 121 -21.77 -9.67 0.14
C GLN A 121 -20.75 -10.37 -0.73
N LEU A 122 -20.99 -10.40 -2.05
CA LEU A 122 -20.06 -11.05 -2.97
C LEU A 122 -18.74 -10.29 -3.06
N SER A 123 -18.78 -8.96 -2.96
CA SER A 123 -17.56 -8.18 -3.00
C SER A 123 -16.69 -8.45 -1.79
N LYS A 124 -17.30 -8.54 -0.60
CA LYS A 124 -16.56 -8.94 0.60
C LYS A 124 -16.04 -10.36 0.48
N LYS A 125 -16.74 -11.20 -0.30
CA LYS A 125 -16.29 -12.58 -0.50
C LYS A 125 -14.99 -12.62 -1.29
N LEU A 126 -14.95 -11.95 -2.44
CA LEU A 126 -13.77 -11.95 -3.30
C LEU A 126 -12.73 -10.91 -2.91
N GLU A 127 -12.86 -10.30 -1.72
CA GLU A 127 -11.92 -9.31 -1.23
C GLU A 127 -11.78 -8.14 -2.21
N LEU A 128 -12.89 -7.77 -2.86
CA LEU A 128 -12.94 -6.70 -3.83
C LEU A 128 -13.94 -5.64 -3.38
N PRO A 129 -13.77 -4.38 -3.81
CA PRO A 129 -14.72 -3.35 -3.43
C PRO A 129 -16.03 -3.52 -4.19
N PRO A 130 -17.14 -3.06 -3.62
CA PRO A 130 -18.45 -3.15 -4.30
C PRO A 130 -18.61 -2.11 -5.41
N ILE A 131 -17.73 -2.17 -6.41
CA ILE A 131 -17.80 -1.28 -7.56
C ILE A 131 -17.10 -1.97 -8.71
N LEU A 132 -17.56 -1.69 -9.93
CA LEU A 132 -16.98 -2.30 -11.12
C LEU A 132 -15.52 -1.89 -11.28
N VAL A 133 -14.63 -2.87 -11.39
CA VAL A 133 -13.21 -2.61 -11.53
C VAL A 133 -12.65 -3.25 -12.79
N TYR A 134 -11.36 -3.04 -13.04
CA TYR A 134 -10.69 -3.61 -14.20
C TYR A 134 -10.79 -5.12 -14.22
N ALA A 135 -10.75 -5.75 -13.03
CA ALA A 135 -10.80 -7.21 -12.96
C ALA A 135 -12.13 -7.78 -13.40
N ASP A 136 -13.19 -6.97 -13.42
CA ASP A 136 -14.51 -7.44 -13.81
C ASP A 136 -14.74 -7.28 -15.32
N CYS A 137 -14.60 -6.06 -15.82
CA CYS A 137 -14.97 -5.73 -17.20
C CYS A 137 -13.86 -6.00 -18.21
N VAL A 138 -12.74 -6.60 -17.79
CA VAL A 138 -11.65 -6.87 -18.71
C VAL A 138 -11.14 -8.29 -18.50
N LEU A 139 -10.92 -8.68 -17.24
CA LEU A 139 -10.28 -9.96 -16.96
C LEU A 139 -11.28 -11.11 -17.00
N ALA A 140 -12.53 -10.88 -16.63
CA ALA A 140 -13.56 -11.92 -16.60
C ALA A 140 -14.69 -11.66 -17.58
N ASN A 141 -14.43 -10.89 -18.64
CA ASN A 141 -15.48 -10.38 -19.52
C ASN A 141 -15.11 -10.65 -20.97
N TRP A 142 -15.02 -11.94 -21.32
CA TRP A 142 -14.65 -12.32 -22.68
C TRP A 142 -15.03 -13.78 -22.92
N LYS A 143 -14.92 -14.18 -24.19
CA LYS A 143 -15.12 -15.58 -24.58
C LYS A 143 -14.57 -15.75 -25.99
N LYS A 144 -14.29 -16.99 -26.34
CA LYS A 144 -13.81 -17.32 -27.68
C LYS A 144 -15.00 -17.64 -28.58
N LYS A 145 -15.03 -17.01 -29.76
CA LYS A 145 -16.05 -17.35 -30.75
C LYS A 145 -15.95 -18.82 -31.14
N ASP A 146 -14.75 -19.26 -31.50
CA ASP A 146 -14.49 -20.64 -31.88
C ASP A 146 -13.47 -21.23 -30.92
N PRO A 147 -13.79 -22.32 -30.21
CA PRO A 147 -12.83 -22.87 -29.24
C PRO A 147 -11.56 -23.39 -29.88
N ASN A 148 -11.54 -23.63 -31.19
CA ASN A 148 -10.36 -24.15 -31.85
C ASN A 148 -9.46 -23.06 -32.43
N LYS A 149 -10.02 -21.91 -32.78
CA LYS A 149 -9.22 -20.83 -33.33
C LYS A 149 -8.60 -20.01 -32.20
N PRO A 150 -7.39 -19.46 -32.43
CA PRO A 150 -6.64 -18.84 -31.33
C PRO A 150 -7.19 -17.50 -30.87
N LEU A 151 -6.58 -16.95 -29.82
CA LEU A 151 -7.05 -15.71 -29.18
C LEU A 151 -6.63 -14.52 -30.03
N THR A 152 -7.57 -13.99 -30.81
CA THR A 152 -7.36 -12.75 -31.54
C THR A 152 -8.64 -11.93 -31.46
N TYR A 153 -8.54 -10.66 -31.85
CA TYR A 153 -9.70 -9.76 -31.75
C TYR A 153 -10.84 -10.24 -32.63
N GLU A 154 -10.53 -10.70 -33.83
CA GLU A 154 -11.56 -11.16 -34.75
C GLU A 154 -12.20 -12.47 -34.32
N ASN A 155 -11.61 -13.17 -33.36
CA ASN A 155 -12.13 -14.45 -32.88
C ASN A 155 -12.64 -14.38 -31.45
N MET A 156 -12.53 -13.23 -30.79
CA MET A 156 -12.99 -13.08 -29.42
C MET A 156 -14.06 -12.02 -29.33
N ASP A 157 -14.88 -12.12 -28.29
CA ASP A 157 -15.96 -11.17 -28.07
C ASP A 157 -16.19 -10.99 -26.58
N VAL A 158 -16.80 -9.87 -26.22
CA VAL A 158 -17.06 -9.51 -24.83
C VAL A 158 -18.32 -10.23 -24.36
N LEU A 159 -18.62 -10.12 -23.06
CA LEU A 159 -19.84 -10.70 -22.51
C LEU A 159 -20.90 -9.66 -22.16
N PHE A 160 -20.53 -8.42 -21.89
CA PHE A 160 -21.50 -7.41 -21.48
C PHE A 160 -21.06 -6.05 -22.03
N SER A 161 -22.04 -5.16 -22.17
CA SER A 161 -21.80 -3.82 -22.70
C SER A 161 -22.72 -2.83 -22.00
N PHE A 162 -22.54 -1.56 -22.32
CA PHE A 162 -23.30 -0.48 -21.70
C PHE A 162 -24.36 0.06 -22.67
N ARG A 163 -23.94 0.73 -23.75
CA ARG A 163 -24.86 1.34 -24.69
C ARG A 163 -24.52 0.89 -26.11
N ASP A 164 -25.40 1.24 -27.04
CA ASP A 164 -25.19 0.88 -28.44
C ASP A 164 -24.10 1.76 -29.04
N GLY A 165 -23.06 1.12 -29.59
CA GLY A 165 -21.98 1.85 -30.22
C GLY A 165 -21.08 2.61 -29.27
N ASP A 166 -20.82 2.05 -28.09
CA ASP A 166 -19.92 2.67 -27.12
C ASP A 166 -18.48 2.19 -27.26
N CYS A 167 -18.20 1.29 -28.22
CA CYS A 167 -16.88 0.70 -28.40
C CYS A 167 -16.39 0.01 -27.13
N SER A 168 -17.34 -0.50 -26.33
CA SER A 168 -16.96 -1.23 -25.12
C SER A 168 -16.36 -2.59 -25.46
N LYS A 169 -16.72 -3.14 -26.63
CA LYS A 169 -16.05 -4.34 -27.12
C LYS A 169 -14.58 -4.04 -27.42
N GLY A 170 -14.33 -2.99 -28.19
CA GLY A 170 -12.95 -2.65 -28.53
C GLY A 170 -12.14 -2.20 -27.32
N PHE A 171 -12.74 -1.38 -26.45
CA PHE A 171 -12.01 -0.84 -25.31
C PHE A 171 -11.59 -1.94 -24.35
N PHE A 172 -12.45 -2.95 -24.16
CA PHE A 172 -12.17 -4.02 -23.21
C PHE A 172 -11.34 -5.15 -23.83
N LEU A 173 -11.62 -5.52 -25.08
CA LEU A 173 -10.90 -6.64 -25.68
C LEU A 173 -9.47 -6.23 -26.06
N VAL A 174 -9.27 -4.99 -26.48
CA VAL A 174 -7.90 -4.53 -26.76
C VAL A 174 -7.12 -4.43 -25.46
N SER A 175 -7.76 -3.95 -24.39
CA SER A 175 -7.14 -3.96 -23.08
C SER A 175 -6.79 -5.37 -22.65
N LEU A 176 -7.73 -6.31 -22.84
CA LEU A 176 -7.48 -7.70 -22.52
C LEU A 176 -6.41 -8.31 -23.42
N LEU A 177 -6.36 -7.89 -24.68
CA LEU A 177 -5.42 -8.50 -25.63
C LEU A 177 -3.97 -8.24 -25.23
N VAL A 178 -3.68 -7.07 -24.69
CA VAL A 178 -2.31 -6.78 -24.26
C VAL A 178 -1.98 -7.53 -22.97
N GLU A 179 -2.99 -7.85 -22.16
CA GLU A 179 -2.75 -8.63 -20.95
C GLU A 179 -2.32 -10.05 -21.30
N ILE A 180 -2.73 -10.55 -22.46
CA ILE A 180 -2.32 -11.89 -22.88
C ILE A 180 -0.89 -11.87 -23.39
N ALA A 181 -0.45 -10.78 -24.01
CA ALA A 181 0.94 -10.67 -24.43
C ALA A 181 1.87 -10.63 -23.23
N ALA A 182 1.46 -9.98 -22.14
CA ALA A 182 2.25 -9.94 -20.93
C ALA A 182 2.33 -11.31 -20.26
N ALA A 183 1.37 -12.19 -20.53
CA ALA A 183 1.40 -13.53 -19.94
C ALA A 183 2.66 -14.29 -20.33
N SER A 184 3.19 -14.03 -21.52
CA SER A 184 4.44 -14.63 -21.95
C SER A 184 5.66 -13.99 -21.30
N ALA A 185 5.46 -12.93 -20.51
CA ALA A 185 6.54 -12.29 -19.76
C ALA A 185 6.45 -12.52 -18.26
N ILE A 186 5.25 -12.72 -17.72
CA ILE A 186 5.10 -12.98 -16.29
C ILE A 186 5.61 -14.37 -15.96
N LYS A 187 5.48 -15.32 -16.89
CA LYS A 187 5.98 -16.67 -16.67
C LYS A 187 7.50 -16.70 -16.54
N VAL A 188 8.19 -15.65 -17.00
CA VAL A 188 9.64 -15.59 -16.88
C VAL A 188 10.09 -15.05 -15.53
N ILE A 189 9.17 -14.49 -14.74
CA ILE A 189 9.55 -13.94 -13.44
C ILE A 189 10.15 -15.00 -12.52
N PRO A 190 9.58 -16.19 -12.36
CA PRO A 190 10.26 -17.20 -11.54
C PRO A 190 11.61 -17.63 -12.08
N THR A 191 11.82 -17.53 -13.40
CA THR A 191 13.12 -17.87 -13.98
C THR A 191 14.17 -16.85 -13.58
N VAL A 192 13.80 -15.57 -13.52
CA VAL A 192 14.74 -14.53 -13.15
C VAL A 192 15.12 -14.64 -11.68
N PHE A 193 14.12 -14.85 -10.81
CA PHE A 193 14.38 -14.83 -9.38
C PHE A 193 15.23 -16.01 -8.92
N LYS A 194 15.09 -17.17 -9.55
CA LYS A 194 15.96 -18.28 -9.24
C LYS A 194 17.31 -18.17 -9.93
N ALA A 195 17.40 -17.42 -11.03
CA ALA A 195 18.69 -17.17 -11.64
C ALA A 195 19.57 -16.30 -10.75
N MET A 196 18.96 -15.33 -10.06
CA MET A 196 19.70 -14.54 -9.09
C MET A 196 20.13 -15.39 -7.90
N GLN A 197 19.26 -16.31 -7.47
CA GLN A 197 19.56 -17.11 -6.29
C GLN A 197 20.68 -18.10 -6.56
N MET A 198 20.69 -18.71 -7.74
CA MET A 198 21.70 -19.70 -8.10
C MET A 198 22.95 -19.09 -8.70
N GLN A 199 23.00 -17.76 -8.84
CA GLN A 199 24.16 -17.05 -9.38
C GLN A 199 24.54 -17.58 -10.75
N GLU A 200 23.56 -17.60 -11.65
CA GLU A 200 23.76 -18.04 -13.03
C GLU A 200 23.50 -16.84 -13.94
N ARG A 201 24.58 -16.26 -14.48
CA ARG A 201 24.46 -14.97 -15.15
C ARG A 201 23.81 -15.09 -16.52
N ASP A 202 24.21 -16.09 -17.32
CA ASP A 202 23.65 -16.23 -18.65
C ASP A 202 22.15 -16.53 -18.60
N THR A 203 21.74 -17.35 -17.62
CA THR A 203 20.32 -17.62 -17.46
C THR A 203 19.54 -16.35 -17.12
N LEU A 204 20.17 -15.42 -16.41
CA LEU A 204 19.52 -14.15 -16.10
C LEU A 204 19.54 -13.20 -17.29
N LEU A 205 20.65 -13.20 -18.05
CA LEU A 205 20.77 -12.27 -19.18
C LEU A 205 19.71 -12.57 -20.23
N LYS A 206 19.53 -13.84 -20.59
CA LYS A 206 18.52 -14.18 -21.58
C LYS A 206 17.11 -13.98 -21.02
N ALA A 207 16.90 -14.35 -19.75
CA ALA A 207 15.59 -14.17 -19.14
C ALA A 207 15.20 -12.70 -19.10
N LEU A 208 16.18 -11.81 -18.88
CA LEU A 208 15.89 -10.38 -18.95
C LEU A 208 15.61 -9.95 -20.39
N LEU A 209 16.38 -10.48 -21.34
CA LEU A 209 16.13 -10.16 -22.74
C LEU A 209 14.76 -10.66 -23.19
N GLU A 210 14.34 -11.82 -22.66
CA GLU A 210 13.05 -12.38 -23.05
C GLU A 210 11.89 -11.55 -22.54
N ILE A 211 11.97 -11.10 -21.28
CA ILE A 211 10.92 -10.25 -20.71
C ILE A 211 10.84 -8.94 -21.49
N ALA A 212 11.99 -8.34 -21.80
CA ALA A 212 11.99 -7.15 -22.64
C ALA A 212 11.30 -7.42 -23.97
N SER A 213 11.66 -8.52 -24.63
CA SER A 213 11.12 -8.83 -25.94
C SER A 213 9.60 -8.99 -25.91
N CYS A 214 9.08 -9.69 -24.89
CA CYS A 214 7.64 -9.85 -24.79
C CYS A 214 6.95 -8.51 -24.53
N LEU A 215 7.59 -7.62 -23.78
CA LEU A 215 7.05 -6.27 -23.62
C LEU A 215 7.16 -5.45 -24.91
N GLU A 216 8.07 -5.82 -25.80
CA GLU A 216 8.10 -5.20 -27.13
C GLU A 216 6.91 -5.64 -27.96
N LYS A 217 6.59 -6.94 -27.93
CA LYS A 217 5.43 -7.44 -28.66
C LYS A 217 4.14 -6.92 -28.08
N ALA A 218 4.11 -6.64 -26.77
CA ALA A 218 2.88 -6.15 -26.14
C ALA A 218 2.55 -4.73 -26.59
N LEU A 219 3.56 -3.95 -26.99
CA LEU A 219 3.28 -2.60 -27.49
C LEU A 219 2.57 -2.65 -28.83
N GLN A 220 2.93 -3.62 -29.68
CA GLN A 220 2.24 -3.76 -30.97
C GLN A 220 0.78 -4.16 -30.77
N VAL A 221 0.48 -4.91 -29.72
CA VAL A 221 -0.90 -5.24 -29.40
C VAL A 221 -1.64 -3.98 -28.96
N PHE A 222 -0.93 -3.03 -28.35
CA PHE A 222 -1.55 -1.76 -27.96
C PHE A 222 -2.00 -0.96 -29.17
N HIS A 223 -1.34 -1.18 -30.32
CA HIS A 223 -1.66 -0.40 -31.52
C HIS A 223 -3.07 -0.67 -32.05
N GLN A 224 -3.66 -1.82 -31.70
CA GLN A 224 -4.95 -2.22 -32.26
C GLN A 224 -6.08 -1.32 -31.79
N ILE A 225 -5.86 -0.51 -30.74
CA ILE A 225 -6.96 0.25 -30.13
C ILE A 225 -7.53 1.28 -31.10
N HIS A 226 -6.72 1.74 -32.06
CA HIS A 226 -7.20 2.76 -32.99
C HIS A 226 -8.24 2.19 -33.96
N ASP A 227 -8.14 0.90 -34.30
CA ASP A 227 -9.02 0.32 -35.29
C ASP A 227 -10.39 -0.05 -34.73
N HIS A 228 -10.52 -0.18 -33.41
CA HIS A 228 -11.74 -0.69 -32.80
C HIS A 228 -12.37 0.25 -31.79
N VAL A 229 -11.82 1.44 -31.57
CA VAL A 229 -12.38 2.40 -30.62
C VAL A 229 -12.30 3.79 -31.25
N ASN A 230 -13.37 4.57 -31.08
CA ASN A 230 -13.56 5.93 -31.58
C ASN A 230 -13.31 6.95 -30.48
N PRO A 231 -12.69 8.09 -30.82
CA PRO A 231 -12.36 9.09 -29.77
C PRO A 231 -13.56 9.61 -29.00
N LYS A 232 -14.51 10.26 -29.67
CA LYS A 232 -15.63 10.87 -28.95
C LYS A 232 -16.71 9.86 -28.58
N ALA A 233 -16.74 8.69 -29.22
CA ALA A 233 -17.65 7.64 -28.76
C ALA A 233 -17.22 7.08 -27.42
N PHE A 234 -15.92 7.12 -27.13
CA PHE A 234 -15.41 6.66 -25.85
C PHE A 234 -15.54 7.73 -24.76
N PHE A 235 -15.22 8.98 -25.10
CA PHE A 235 -15.22 10.04 -24.10
C PHE A 235 -16.62 10.33 -23.57
N SER A 236 -17.62 10.24 -24.44
CA SER A 236 -18.98 10.64 -24.07
C SER A 236 -19.81 9.49 -23.55
N VAL A 237 -19.63 8.28 -24.08
CA VAL A 237 -20.51 7.16 -23.74
C VAL A 237 -19.86 6.26 -22.71
N LEU A 238 -18.71 5.69 -23.05
CA LEU A 238 -18.11 4.66 -22.20
C LEU A 238 -17.45 5.25 -20.95
N ARG A 239 -16.78 6.40 -21.09
CA ARG A 239 -16.05 6.96 -19.96
C ARG A 239 -16.98 7.40 -18.85
N ILE A 240 -18.23 7.75 -19.17
CA ILE A 240 -19.17 8.22 -18.16
C ILE A 240 -19.58 7.07 -17.24
N TYR A 241 -19.78 5.88 -17.81
CA TYR A 241 -20.19 4.73 -17.00
C TYR A 241 -19.03 4.11 -16.24
N LEU A 242 -17.80 4.31 -16.68
CA LEU A 242 -16.65 3.74 -15.98
C LEU A 242 -16.19 4.62 -14.82
N SER A 243 -16.61 5.87 -14.77
CA SER A 243 -16.24 6.73 -13.66
C SER A 243 -17.01 6.34 -12.40
N GLY A 244 -16.34 6.42 -11.25
CA GLY A 244 -16.88 6.02 -9.97
C GLY A 244 -17.36 7.19 -9.15
N TRP A 245 -17.28 7.05 -7.83
CA TRP A 245 -17.76 8.05 -6.90
C TRP A 245 -16.79 8.19 -5.71
N LYS A 246 -15.54 8.50 -6.02
CA LYS A 246 -14.54 8.86 -5.02
C LYS A 246 -13.92 10.19 -5.45
N GLY A 247 -14.26 11.26 -4.72
CA GLY A 247 -13.89 12.58 -5.16
C GLY A 247 -14.65 13.08 -6.37
N ASN A 248 -15.70 12.38 -6.77
CA ASN A 248 -16.53 12.82 -7.90
C ASN A 248 -17.55 13.84 -7.41
N PRO A 249 -17.69 14.98 -8.10
CA PRO A 249 -18.60 16.02 -7.60
C PRO A 249 -20.07 15.60 -7.63
N GLN A 250 -20.46 14.71 -8.54
CA GLN A 250 -21.86 14.34 -8.64
C GLN A 250 -22.33 13.53 -7.42
N LEU A 251 -21.43 12.82 -6.78
CA LEU A 251 -21.70 12.12 -5.51
C LEU A 251 -20.65 12.63 -4.52
N SER A 252 -20.96 13.74 -3.86
CA SER A 252 -19.96 14.42 -3.03
C SER A 252 -19.49 13.56 -1.87
N ASP A 253 -20.32 12.62 -1.41
CA ASP A 253 -19.94 11.72 -0.33
C ASP A 253 -19.91 10.26 -0.74
N GLY A 254 -20.30 9.94 -1.97
CA GLY A 254 -20.29 8.58 -2.45
C GLY A 254 -21.68 8.00 -2.58
N LEU A 255 -21.73 6.66 -2.54
CA LEU A 255 -22.97 5.92 -2.73
C LEU A 255 -23.34 5.20 -1.44
N VAL A 256 -24.59 5.37 -1.01
CA VAL A 256 -25.11 4.59 0.12
C VAL A 256 -25.56 3.24 -0.39
N TYR A 257 -25.09 2.18 0.27
CA TYR A 257 -25.51 0.81 -0.04
C TYR A 257 -26.62 0.47 0.94
N GLU A 258 -27.87 0.75 0.53
CA GLU A 258 -29.02 0.64 1.41
C GLU A 258 -29.13 -0.77 1.98
N GLY A 259 -29.17 -0.84 3.31
CA GLY A 259 -29.21 -2.12 3.99
C GLY A 259 -27.86 -2.75 4.24
N PHE A 260 -26.78 -1.99 4.14
CA PHE A 260 -25.44 -2.54 4.33
C PHE A 260 -24.54 -1.55 5.06
N TRP A 261 -24.55 -0.29 4.63
CA TRP A 261 -23.78 0.77 5.28
C TRP A 261 -24.69 1.96 5.51
N GLU A 262 -24.74 2.42 6.77
CA GLU A 262 -25.57 3.58 7.10
C GLU A 262 -25.03 4.85 6.49
N ASP A 263 -23.71 4.95 6.31
CA ASP A 263 -23.04 6.11 5.76
C ASP A 263 -22.73 5.92 4.28
N PRO A 264 -22.71 7.00 3.50
CA PRO A 264 -22.26 6.88 2.10
C PRO A 264 -20.78 6.54 2.03
N LYS A 265 -20.45 5.64 1.12
CA LYS A 265 -19.10 5.13 0.98
C LYS A 265 -18.49 5.60 -0.32
N GLU A 266 -17.25 6.09 -0.25
CA GLU A 266 -16.53 6.61 -1.41
C GLU A 266 -15.65 5.50 -1.98
N PHE A 267 -15.84 5.18 -3.25
CA PHE A 267 -15.08 4.15 -3.93
C PHE A 267 -14.65 4.66 -5.30
N ALA A 268 -13.38 4.43 -5.64
CA ALA A 268 -12.86 4.89 -6.91
C ALA A 268 -13.45 4.09 -8.06
N GLY A 269 -13.43 4.71 -9.25
CA GLY A 269 -13.97 4.07 -10.43
C GLY A 269 -13.05 3.01 -11.00
N GLY A 270 -12.97 2.95 -12.33
CA GLY A 270 -12.09 2.02 -12.99
C GLY A 270 -11.03 2.73 -13.80
N SER A 271 -9.77 2.33 -13.64
CA SER A 271 -8.67 2.95 -14.36
C SER A 271 -7.61 1.90 -14.67
N ALA A 272 -6.68 2.28 -15.54
CA ALA A 272 -5.59 1.37 -15.91
C ALA A 272 -4.69 1.03 -14.75
N GLY A 273 -4.69 1.85 -13.69
CA GLY A 273 -3.91 1.54 -12.50
C GLY A 273 -4.32 0.25 -11.83
N GLN A 274 -5.56 -0.19 -12.03
CA GLN A 274 -6.01 -1.47 -11.50
C GLN A 274 -5.52 -2.65 -12.32
N SER A 275 -5.00 -2.42 -13.53
CA SER A 275 -4.34 -3.49 -14.27
C SER A 275 -3.13 -3.96 -13.48
N SER A 276 -3.02 -5.27 -13.30
CA SER A 276 -1.93 -5.78 -12.48
C SER A 276 -0.60 -5.77 -13.22
N VAL A 277 -0.63 -5.95 -14.54
CA VAL A 277 0.58 -5.82 -15.35
C VAL A 277 1.11 -4.39 -15.32
N PHE A 278 0.26 -3.42 -14.99
CA PHE A 278 0.72 -2.04 -14.84
C PHE A 278 1.82 -1.94 -13.78
N GLN A 279 1.56 -2.48 -12.59
CA GLN A 279 2.52 -2.46 -11.50
C GLN A 279 3.43 -3.69 -11.49
N CYS A 280 3.13 -4.71 -12.29
CA CYS A 280 3.85 -5.97 -12.20
C CYS A 280 5.32 -5.81 -12.54
N PHE A 281 5.63 -5.08 -13.61
CA PHE A 281 7.00 -4.96 -14.07
C PHE A 281 7.72 -3.74 -13.50
N ASP A 282 6.98 -2.72 -13.10
CA ASP A 282 7.58 -1.62 -12.35
C ASP A 282 8.22 -2.14 -11.07
N VAL A 283 7.52 -3.04 -10.36
CA VAL A 283 8.03 -3.61 -9.13
C VAL A 283 9.19 -4.55 -9.40
N LEU A 284 9.10 -5.36 -10.46
CA LEU A 284 10.13 -6.36 -10.74
C LEU A 284 11.46 -5.69 -11.06
N LEU A 285 11.45 -4.67 -11.93
CA LEU A 285 12.67 -4.02 -12.37
C LEU A 285 13.22 -3.03 -11.35
N GLY A 286 12.73 -3.05 -10.12
CA GLY A 286 13.23 -2.17 -9.09
C GLY A 286 12.78 -0.73 -9.18
N ILE A 287 11.91 -0.40 -10.13
CA ILE A 287 11.41 0.98 -10.25
C ILE A 287 10.51 1.26 -9.07
N GLN A 288 10.94 2.16 -8.19
CA GLN A 288 10.19 2.51 -6.98
C GLN A 288 9.05 3.47 -7.36
N GLN A 289 8.05 2.92 -8.04
CA GLN A 289 6.90 3.71 -8.47
C GLN A 289 5.97 4.05 -7.31
N THR A 290 6.05 3.32 -6.20
CA THR A 290 5.24 3.57 -5.03
C THR A 290 6.02 4.29 -3.92
N ALA A 291 7.19 4.82 -4.23
CA ALA A 291 8.00 5.55 -3.26
C ALA A 291 7.62 7.02 -3.25
N GLY A 292 7.89 7.66 -2.13
CA GLY A 292 7.54 9.06 -1.95
C GLY A 292 6.07 9.23 -1.63
N GLY A 293 5.68 10.49 -1.41
CA GLY A 293 4.30 10.81 -1.11
C GLY A 293 3.56 11.38 -2.30
N GLY A 294 4.06 11.09 -3.51
CA GLY A 294 3.44 11.63 -4.70
C GLY A 294 2.06 11.06 -4.95
N HIS A 295 1.32 11.78 -5.80
CA HIS A 295 -0.04 11.35 -6.13
C HIS A 295 -0.02 10.04 -6.91
N ALA A 296 0.96 9.85 -7.79
CA ALA A 296 1.05 8.61 -8.55
C ALA A 296 1.46 7.44 -7.67
N ALA A 297 2.37 7.67 -6.72
CA ALA A 297 2.78 6.60 -5.82
C ALA A 297 1.67 6.22 -4.87
N GLN A 298 0.84 7.19 -4.46
CA GLN A 298 -0.28 6.88 -3.59
C GLN A 298 -1.40 6.19 -4.35
N PHE A 299 -1.70 6.67 -5.57
CA PHE A 299 -2.77 6.08 -6.36
C PHE A 299 -2.43 4.64 -6.76
N LEU A 300 -1.15 4.38 -7.07
CA LEU A 300 -0.75 3.02 -7.43
C LEU A 300 -0.86 2.08 -6.24
N GLN A 301 -0.69 2.59 -5.02
CA GLN A 301 -0.84 1.75 -3.83
C GLN A 301 -2.31 1.56 -3.47
N ASP A 302 -3.12 2.61 -3.62
CA ASP A 302 -4.54 2.50 -3.33
C ASP A 302 -5.24 1.53 -4.27
N MET A 303 -4.80 1.47 -5.53
CA MET A 303 -5.44 0.60 -6.52
C MET A 303 -5.08 -0.86 -6.36
N ARG A 304 -4.15 -1.19 -5.46
CA ARG A 304 -3.91 -2.60 -5.18
C ARG A 304 -5.10 -3.24 -4.47
N ARG A 305 -5.79 -2.47 -3.62
CA ARG A 305 -7.01 -2.96 -2.99
C ARG A 305 -8.09 -3.30 -4.00
N TYR A 306 -8.02 -2.74 -5.20
CA TYR A 306 -9.02 -2.96 -6.24
C TYR A 306 -8.69 -4.15 -7.13
N MET A 307 -7.58 -4.83 -6.87
CA MET A 307 -7.19 -6.04 -7.59
C MET A 307 -7.70 -7.28 -6.86
N PRO A 308 -7.75 -8.42 -7.55
CA PRO A 308 -8.08 -9.67 -6.86
C PRO A 308 -7.09 -9.95 -5.75
N PRO A 309 -7.48 -10.74 -4.75
CA PRO A 309 -6.56 -11.01 -3.63
C PRO A 309 -5.32 -11.79 -4.06
N ALA A 310 -5.44 -12.67 -5.05
CA ALA A 310 -4.29 -13.45 -5.50
C ALA A 310 -3.25 -12.58 -6.18
N HIS A 311 -3.68 -11.50 -6.85
CA HIS A 311 -2.74 -10.59 -7.48
C HIS A 311 -2.16 -9.59 -6.49
N ARG A 312 -2.92 -9.23 -5.46
CA ARG A 312 -2.39 -8.41 -4.38
C ARG A 312 -1.15 -9.05 -3.78
N ASN A 313 -1.20 -10.37 -3.55
CA ASN A 313 -0.09 -11.08 -2.93
C ASN A 313 1.03 -11.37 -3.93
N PHE A 314 0.71 -11.49 -5.22
CA PHE A 314 1.74 -11.70 -6.22
C PHE A 314 2.61 -10.46 -6.37
N LEU A 315 1.98 -9.29 -6.52
CA LEU A 315 2.73 -8.04 -6.48
C LEU A 315 3.48 -7.92 -5.17
N CYS A 316 2.90 -8.44 -4.09
CA CYS A 316 3.56 -8.41 -2.79
C CYS A 316 4.78 -9.30 -2.75
N SER A 317 4.68 -10.50 -3.33
CA SER A 317 5.80 -11.44 -3.30
C SER A 317 6.99 -10.92 -4.10
N LEU A 318 6.75 -10.10 -5.12
CA LEU A 318 7.85 -9.56 -5.92
C LEU A 318 8.65 -8.54 -5.10
N GLU A 319 7.96 -7.66 -4.37
CA GLU A 319 8.66 -6.71 -3.53
C GLU A 319 9.36 -7.39 -2.36
N SER A 320 8.88 -8.56 -1.95
CA SER A 320 9.56 -9.32 -0.90
C SER A 320 10.83 -9.96 -1.41
N ASN A 321 10.81 -10.47 -2.64
CA ASN A 321 11.98 -11.09 -3.24
C ASN A 321 13.09 -10.04 -3.41
N PRO A 322 14.35 -10.48 -3.49
CA PRO A 322 15.45 -9.52 -3.60
C PRO A 322 15.31 -8.63 -4.83
N SER A 323 15.85 -7.42 -4.71
CA SER A 323 15.75 -6.44 -5.78
C SER A 323 16.58 -6.87 -6.98
N VAL A 324 15.94 -6.93 -8.15
CA VAL A 324 16.65 -7.30 -9.37
C VAL A 324 17.52 -6.15 -9.85
N ARG A 325 17.15 -4.90 -9.52
CA ARG A 325 17.93 -3.76 -9.97
C ARG A 325 19.30 -3.71 -9.30
N GLU A 326 19.33 -3.83 -7.98
CA GLU A 326 20.60 -3.79 -7.27
C GLU A 326 21.50 -4.97 -7.60
N PHE A 327 20.92 -6.10 -8.03
CA PHE A 327 21.74 -7.22 -8.48
C PHE A 327 22.53 -6.85 -9.73
N VAL A 328 21.90 -6.14 -10.66
CA VAL A 328 22.57 -5.74 -11.89
C VAL A 328 23.51 -4.57 -11.64
N LEU A 329 23.11 -3.63 -10.78
CA LEU A 329 23.96 -2.48 -10.49
C LEU A 329 25.19 -2.86 -9.68
N SER A 330 25.19 -4.00 -9.02
CA SER A 330 26.31 -4.41 -8.17
C SER A 330 27.37 -5.17 -8.96
N LYS A 331 26.96 -6.04 -9.88
CA LYS A 331 27.90 -6.93 -10.57
C LYS A 331 28.89 -6.17 -11.46
N GLY A 332 28.67 -4.89 -11.72
CA GLY A 332 29.53 -4.16 -12.63
C GLY A 332 29.55 -4.74 -14.03
N ASP A 333 28.48 -5.43 -14.41
CA ASP A 333 28.40 -6.14 -15.68
C ASP A 333 27.62 -5.26 -16.65
N ALA A 334 28.31 -4.73 -17.67
CA ALA A 334 27.64 -3.90 -18.65
C ALA A 334 26.68 -4.70 -19.51
N GLY A 335 26.97 -6.00 -19.73
CA GLY A 335 26.03 -6.82 -20.47
C GLY A 335 24.70 -6.98 -19.76
N LEU A 336 24.74 -7.16 -18.44
CA LEU A 336 23.51 -7.21 -17.67
C LEU A 336 22.84 -5.84 -17.61
N ARG A 337 23.66 -4.77 -17.57
CA ARG A 337 23.10 -3.41 -17.53
C ARG A 337 22.34 -3.10 -18.81
N GLU A 338 22.78 -3.61 -19.95
CA GLU A 338 22.09 -3.35 -21.20
C GLU A 338 20.82 -4.20 -21.34
N ALA A 339 20.87 -5.44 -20.88
CA ALA A 339 19.68 -6.29 -20.94
C ALA A 339 18.60 -5.78 -20.00
N TYR A 340 18.98 -5.35 -18.80
CA TYR A 340 18.00 -4.77 -17.88
C TYR A 340 17.44 -3.47 -18.43
N ASP A 341 18.29 -2.63 -19.03
CA ASP A 341 17.82 -1.36 -19.58
C ASP A 341 16.86 -1.56 -20.75
N ALA A 342 16.88 -2.73 -21.38
CA ALA A 342 15.94 -2.99 -22.47
C ALA A 342 14.52 -3.14 -21.94
N CYS A 343 14.35 -3.80 -20.79
CA CYS A 343 13.03 -3.92 -20.20
C CYS A 343 12.49 -2.57 -19.75
N VAL A 344 13.37 -1.68 -19.27
CA VAL A 344 12.93 -0.35 -18.88
C VAL A 344 12.56 0.48 -20.09
N LYS A 345 13.33 0.33 -21.19
CA LYS A 345 12.99 1.03 -22.43
C LYS A 345 11.67 0.54 -22.99
N ALA A 346 11.40 -0.77 -22.90
CA ALA A 346 10.13 -1.31 -23.36
C ALA A 346 8.96 -0.73 -22.57
N LEU A 347 9.17 -0.47 -21.28
CA LEU A 347 8.14 0.18 -20.49
C LEU A 347 7.92 1.61 -20.95
N VAL A 348 9.00 2.37 -21.11
CA VAL A 348 8.89 3.76 -21.54
C VAL A 348 8.20 3.85 -22.89
N SER A 349 8.45 2.89 -23.78
CA SER A 349 7.76 2.85 -25.06
C SER A 349 6.26 2.66 -24.89
N LEU A 350 5.85 1.95 -23.85
CA LEU A 350 4.42 1.78 -23.57
C LEU A 350 3.84 3.01 -22.88
N ARG A 351 4.56 3.56 -21.90
CA ARG A 351 4.07 4.78 -21.25
C ARG A 351 3.98 5.94 -22.23
N SER A 352 4.87 5.98 -23.22
CA SER A 352 4.80 7.02 -24.24
C SER A 352 3.71 6.77 -25.27
N TYR A 353 3.31 5.52 -25.49
CA TYR A 353 2.17 5.25 -26.35
C TYR A 353 0.86 5.40 -25.59
N HIS A 354 0.82 4.90 -24.35
CA HIS A 354 -0.35 5.12 -23.50
C HIS A 354 -0.62 6.60 -23.32
N LEU A 355 0.43 7.41 -23.22
CA LEU A 355 0.26 8.85 -23.08
C LEU A 355 -0.33 9.45 -24.35
N GLN A 356 0.06 8.92 -25.51
CA GLN A 356 -0.49 9.41 -26.78
C GLN A 356 -1.98 9.11 -26.88
N ILE A 357 -2.39 7.90 -26.49
CA ILE A 357 -3.79 7.50 -26.65
C ILE A 357 -4.69 8.39 -25.82
N VAL A 358 -4.23 8.83 -24.66
CA VAL A 358 -5.05 9.68 -23.80
C VAL A 358 -5.30 11.04 -24.46
N THR A 359 -4.33 11.55 -25.22
CA THR A 359 -4.52 12.83 -25.89
C THR A 359 -5.64 12.76 -26.93
N LYS A 360 -5.57 11.78 -27.83
CA LYS A 360 -6.57 11.65 -28.88
C LYS A 360 -7.94 11.29 -28.33
N TYR A 361 -8.01 10.69 -27.14
CA TYR A 361 -9.25 10.12 -26.65
C TYR A 361 -9.86 10.86 -25.48
N ILE A 362 -9.09 11.69 -24.78
CA ILE A 362 -9.63 12.45 -23.65
C ILE A 362 -9.45 13.94 -23.86
N LEU A 363 -8.21 14.39 -24.03
CA LEU A 363 -7.95 15.83 -24.09
C LEU A 363 -8.68 16.50 -25.24
N ILE A 364 -8.55 15.96 -26.45
CA ILE A 364 -9.10 16.62 -27.62
C ILE A 364 -10.62 16.49 -27.63
N PRO A 365 -11.20 15.32 -27.33
CA PRO A 365 -12.65 15.29 -27.11
C PRO A 365 -13.13 16.24 -26.02
N ALA A 366 -12.38 16.36 -24.92
CA ALA A 366 -12.81 17.23 -23.83
C ALA A 366 -12.83 18.69 -24.24
N SER A 367 -12.01 19.07 -25.23
CA SER A 367 -12.05 20.40 -25.80
C SER A 367 -13.12 20.55 -26.86
N GLN A 368 -14.02 19.57 -26.99
CA GLN A 368 -15.06 19.55 -28.02
C GLN A 368 -14.48 19.75 -29.41
N GLY A 389 -10.08 15.37 -17.22
CA GLY A 389 -9.35 15.45 -18.47
C GLY A 389 -7.84 15.36 -18.32
N THR A 390 -7.28 16.25 -17.49
CA THR A 390 -5.84 16.32 -17.29
C THR A 390 -5.36 15.68 -15.99
N ASP A 391 -6.28 15.24 -15.13
CA ASP A 391 -5.87 14.55 -13.91
C ASP A 391 -5.22 13.21 -14.23
N LEU A 392 -5.76 12.48 -15.22
CA LEU A 392 -5.11 11.28 -15.70
C LEU A 392 -3.84 11.62 -16.47
N MET A 393 -3.82 12.75 -17.16
CA MET A 393 -2.65 13.14 -17.94
C MET A 393 -1.44 13.40 -17.04
N ASN A 394 -1.60 14.27 -16.04
CA ASN A 394 -0.51 14.58 -15.14
C ASN A 394 -0.08 13.34 -14.34
N PHE A 395 -1.00 12.41 -14.11
CA PHE A 395 -0.65 11.17 -13.43
C PHE A 395 0.23 10.29 -14.31
N LEU A 396 -0.22 10.03 -15.55
CA LEU A 396 0.50 9.12 -16.43
C LEU A 396 1.85 9.68 -16.89
N LYS A 397 2.02 11.00 -16.86
CA LYS A 397 3.33 11.56 -17.17
C LYS A 397 4.34 11.26 -16.07
N THR A 398 3.87 11.11 -14.83
CA THR A 398 4.78 10.90 -13.70
C THR A 398 5.26 9.46 -13.63
N VAL A 399 4.39 8.48 -13.96
CA VAL A 399 4.83 7.10 -13.96
C VAL A 399 5.80 6.85 -15.10
N ARG A 400 5.64 7.55 -16.22
CA ARG A 400 6.64 7.46 -17.30
C ARG A 400 7.93 8.16 -16.90
N SER A 401 7.83 9.36 -16.32
CA SER A 401 9.01 10.10 -15.89
C SER A 401 9.86 9.27 -14.94
N THR A 402 9.21 8.56 -14.00
CA THR A 402 9.96 7.69 -13.09
C THR A 402 10.62 6.55 -13.85
N THR A 403 9.96 6.03 -14.89
CA THR A 403 10.52 4.92 -15.64
C THR A 403 11.77 5.34 -16.41
N GLU A 404 11.80 6.57 -16.92
CA GLU A 404 12.99 7.04 -17.63
C GLU A 404 14.15 7.30 -16.68
N LYS A 405 13.86 7.64 -15.43
CA LYS A 405 14.91 7.88 -14.44
C LYS A 405 15.52 6.59 -13.90
N SER A 406 15.00 5.43 -14.31
CA SER A 406 15.55 4.15 -13.89
C SER A 406 16.68 3.66 -14.79
N LEU A 407 16.92 4.32 -15.91
CA LEU A 407 17.93 3.87 -16.86
C LEU A 407 19.33 4.10 -16.32
N LEU A 408 20.26 3.26 -16.74
CA LEU A 408 21.64 3.33 -16.29
C LEU A 408 22.54 3.92 -17.37
N SER B 20 12.12 -15.98 9.62
CA SER B 20 12.94 -15.82 8.42
C SER B 20 13.62 -14.45 8.43
N LYS B 21 14.83 -14.39 7.87
CA LYS B 21 15.65 -13.20 7.96
C LYS B 21 15.42 -12.21 6.81
N GLU B 22 14.69 -12.59 5.76
CA GLU B 22 14.39 -11.64 4.71
C GLU B 22 13.44 -10.54 5.17
N TYR B 23 12.79 -10.71 6.32
CA TYR B 23 11.93 -9.70 6.89
C TYR B 23 12.60 -8.90 8.00
N HIS B 24 13.86 -9.21 8.32
CA HIS B 24 14.66 -8.46 9.28
C HIS B 24 13.99 -8.39 10.65
N ILE B 25 13.50 -9.53 11.12
CA ILE B 25 12.89 -9.64 12.44
C ILE B 25 13.81 -10.47 13.33
N ASP B 26 14.18 -9.90 14.47
CA ASP B 26 15.13 -10.51 15.38
C ASP B 26 14.41 -11.30 16.46
N GLU B 27 15.06 -12.37 16.93
CA GLU B 27 14.47 -13.20 17.98
C GLU B 27 14.27 -12.43 19.27
N GLU B 28 15.17 -11.49 19.58
CA GLU B 28 15.16 -10.77 20.85
C GLU B 28 14.47 -9.42 20.77
N VAL B 29 14.78 -8.62 19.76
CA VAL B 29 14.26 -7.26 19.67
C VAL B 29 13.20 -7.09 18.59
N GLY B 30 13.03 -8.06 17.70
CA GLY B 30 11.99 -7.99 16.69
C GLY B 30 12.24 -6.93 15.62
N PHE B 31 11.35 -5.94 15.54
CA PHE B 31 11.49 -4.89 14.53
C PHE B 31 12.58 -3.90 14.88
N ALA B 32 13.11 -3.92 16.09
CA ALA B 32 14.22 -3.04 16.44
C ALA B 32 15.50 -3.51 15.77
N LEU B 33 16.39 -2.57 15.50
CA LEU B 33 17.68 -2.90 14.91
C LEU B 33 18.55 -3.56 15.96
N PRO B 34 18.99 -4.81 15.75
CA PRO B 34 19.75 -5.52 16.78
C PRO B 34 21.16 -4.95 16.97
N ASN B 35 21.40 -4.34 18.14
CA ASN B 35 22.70 -3.78 18.50
C ASN B 35 23.18 -2.77 17.45
N PRO B 36 22.60 -1.57 17.42
CA PRO B 36 22.98 -0.60 16.39
C PRO B 36 24.34 0.00 16.68
N GLN B 37 24.86 0.71 15.68
CA GLN B 37 26.10 1.46 15.83
C GLN B 37 25.82 2.81 16.46
N GLU B 38 26.78 3.30 17.25
CA GLU B 38 26.68 4.61 17.88
C GLU B 38 27.72 5.60 17.35
N ASN B 39 28.63 5.17 16.48
CA ASN B 39 29.63 6.05 15.90
C ASN B 39 29.72 5.78 14.41
N LEU B 40 29.69 6.86 13.62
CA LEU B 40 29.93 6.77 12.19
C LEU B 40 31.42 6.67 11.92
N PRO B 41 31.81 6.32 10.69
CA PRO B 41 33.22 6.43 10.31
C PRO B 41 33.75 7.84 10.52
N ASP B 42 35.08 7.93 10.62
CA ASP B 42 35.72 9.21 10.94
C ASP B 42 35.47 10.28 9.90
N PHE B 43 35.13 9.90 8.66
CA PHE B 43 34.89 10.88 7.61
C PHE B 43 33.67 11.74 7.93
N TYR B 44 32.62 11.14 8.48
CA TYR B 44 31.39 11.85 8.81
C TYR B 44 31.41 12.47 10.20
N ASN B 45 32.55 13.02 10.63
CA ASN B 45 32.64 13.60 11.96
C ASN B 45 31.81 14.88 12.08
N ASP B 46 31.72 15.66 11.01
CA ASP B 46 31.05 16.96 11.09
C ASP B 46 29.55 16.81 11.24
N TRP B 47 28.97 15.72 10.72
CA TRP B 47 27.57 15.41 10.99
C TRP B 47 27.38 15.08 12.46
N MET B 48 28.28 14.25 13.01
CA MET B 48 28.07 13.71 14.35
C MET B 48 28.07 14.82 15.40
N PHE B 49 28.95 15.82 15.23
CA PHE B 49 29.02 16.90 16.22
C PHE B 49 27.72 17.68 16.26
N ILE B 50 27.14 17.98 15.10
CA ILE B 50 25.85 18.67 15.08
C ILE B 50 24.77 17.80 15.72
N ALA B 51 24.76 16.51 15.38
CA ALA B 51 23.72 15.62 15.91
C ALA B 51 23.91 15.35 17.39
N LYS B 52 25.16 15.18 17.84
CA LYS B 52 25.41 14.86 19.24
C LYS B 52 25.19 16.07 20.14
N HIS B 53 25.37 17.29 19.60
CA HIS B 53 25.25 18.51 20.38
C HIS B 53 24.05 19.35 19.95
N LEU B 54 22.97 18.70 19.52
CA LEU B 54 21.77 19.41 19.11
C LEU B 54 21.18 20.28 20.21
N PRO B 55 20.96 19.80 21.45
CA PRO B 55 20.28 20.65 22.43
C PRO B 55 21.01 21.95 22.74
N ASP B 56 22.32 21.99 22.55
CA ASP B 56 23.10 23.19 22.84
C ASP B 56 23.15 24.15 21.66
N LEU B 57 23.23 23.62 20.44
CA LEU B 57 23.26 24.48 19.26
C LEU B 57 21.92 25.18 19.04
N ILE B 58 20.81 24.49 19.37
CA ILE B 58 19.50 25.09 19.19
C ILE B 58 19.27 26.19 20.20
N GLU B 59 19.67 25.96 21.46
CA GLU B 59 19.39 26.93 22.51
C GLU B 59 20.21 28.21 22.32
N SER B 60 21.44 28.08 21.82
CA SER B 60 22.27 29.24 21.58
C SER B 60 22.02 29.89 20.23
N GLY B 61 21.20 29.27 19.37
CA GLY B 61 20.90 29.82 18.07
C GLY B 61 21.97 29.62 17.02
N GLN B 62 22.93 28.73 17.26
CA GLN B 62 24.03 28.48 16.33
C GLN B 62 23.81 27.23 15.51
N LEU B 63 22.62 26.63 15.55
CA LEU B 63 22.37 25.39 14.82
C LEU B 63 22.26 25.65 13.32
N ARG B 64 21.32 26.52 12.92
CA ARG B 64 21.14 26.81 11.50
C ARG B 64 22.43 27.28 10.85
N GLU B 65 23.21 28.10 11.57
CA GLU B 65 24.48 28.56 11.03
C GLU B 65 25.44 27.39 10.80
N ARG B 66 25.50 26.46 11.75
CA ARG B 66 26.48 25.38 11.66
C ARG B 66 26.08 24.29 10.68
N VAL B 67 24.81 24.25 10.26
CA VAL B 67 24.41 23.27 9.26
C VAL B 67 24.73 23.77 7.86
N GLU B 68 24.61 25.09 7.64
CA GLU B 68 24.93 25.65 6.33
C GLU B 68 26.44 25.64 6.08
N LYS B 69 27.25 25.62 7.14
CA LYS B 69 28.70 25.62 6.98
C LYS B 69 29.26 24.29 6.51
N LEU B 70 28.45 23.23 6.50
CA LEU B 70 28.93 21.93 6.08
C LEU B 70 29.21 21.89 4.58
N ASN B 71 30.09 20.98 4.19
CA ASN B 71 30.27 20.63 2.79
C ASN B 71 29.41 19.40 2.47
N MET B 72 29.11 19.24 1.18
CA MET B 72 28.32 18.08 0.76
C MET B 72 29.18 16.83 0.84
N LEU B 73 28.86 15.96 1.80
CA LEU B 73 29.59 14.72 1.99
C LEU B 73 29.07 13.64 1.05
N SER B 74 29.85 12.58 0.90
CA SER B 74 29.49 11.47 0.03
C SER B 74 29.00 10.29 0.86
N ILE B 75 27.91 9.67 0.40
CA ILE B 75 27.30 8.56 1.12
C ILE B 75 27.90 7.24 0.67
N ASP B 76 29.00 7.31 -0.09
CA ASP B 76 29.63 6.10 -0.60
C ASP B 76 30.27 5.29 0.53
N HIS B 77 30.78 5.96 1.56
CA HIS B 77 31.44 5.28 2.67
C HIS B 77 30.48 4.62 3.64
N LEU B 78 29.18 4.60 3.34
CA LEU B 78 28.18 3.92 4.15
C LEU B 78 27.93 2.55 3.51
N THR B 79 28.60 1.53 4.04
CA THR B 79 28.61 0.22 3.40
C THR B 79 27.56 -0.72 4.00
N ASP B 80 27.79 -1.18 5.23
CA ASP B 80 26.87 -2.13 5.84
C ASP B 80 25.58 -1.44 6.27
N HIS B 81 24.58 -2.26 6.61
CA HIS B 81 23.25 -1.75 6.91
C HIS B 81 23.23 -0.90 8.17
N LYS B 82 23.93 -1.35 9.22
CA LYS B 82 23.92 -0.62 10.48
C LYS B 82 24.51 0.78 10.34
N SER B 83 25.49 0.95 9.45
CA SER B 83 26.09 2.27 9.27
C SER B 83 25.14 3.20 8.51
N GLN B 84 24.40 2.67 7.54
CA GLN B 84 23.46 3.50 6.80
C GLN B 84 22.24 3.84 7.66
N ARG B 85 21.75 2.87 8.43
CA ARG B 85 20.61 3.13 9.30
C ARG B 85 20.95 4.15 10.38
N LEU B 86 22.18 4.16 10.86
CA LEU B 86 22.60 5.17 11.83
C LEU B 86 22.75 6.53 11.18
N ALA B 87 23.33 6.58 9.98
CA ALA B 87 23.49 7.86 9.28
C ALA B 87 22.14 8.45 8.88
N ARG B 88 21.16 7.59 8.57
CA ARG B 88 19.81 8.08 8.30
C ARG B 88 19.21 8.71 9.55
N LEU B 89 19.63 8.25 10.73
CA LEU B 89 19.17 8.85 11.98
C LEU B 89 19.93 10.13 12.30
N VAL B 90 21.24 10.15 12.04
CA VAL B 90 22.04 11.33 12.31
C VAL B 90 21.56 12.52 11.48
N LEU B 91 21.26 12.27 10.21
CA LEU B 91 20.76 13.34 9.34
C LEU B 91 19.31 13.69 9.63
N GLY B 92 18.49 12.69 10.00
CA GLY B 92 17.08 12.95 10.22
C GLY B 92 16.82 13.89 11.39
N CYS B 93 17.65 13.81 12.44
CA CYS B 93 17.47 14.70 13.59
C CYS B 93 17.91 16.12 13.26
N ILE B 94 18.97 16.27 12.47
CA ILE B 94 19.39 17.60 12.04
C ILE B 94 18.31 18.24 11.19
N THR B 95 17.61 17.43 10.39
CA THR B 95 16.54 17.95 9.54
C THR B 95 15.42 18.55 10.38
N MET B 96 14.87 17.78 11.32
CA MET B 96 13.84 18.31 12.20
C MET B 96 14.37 19.46 13.04
N ALA B 97 15.67 19.46 13.35
CA ALA B 97 16.24 20.57 14.10
C ALA B 97 16.36 21.81 13.23
N TYR B 98 16.68 21.65 11.94
CA TYR B 98 16.80 22.79 11.04
C TYR B 98 15.44 23.40 10.73
N VAL B 99 14.42 22.55 10.50
CA VAL B 99 13.12 23.05 10.07
C VAL B 99 12.42 23.78 11.21
N TRP B 100 12.53 23.26 12.43
CA TRP B 100 11.80 23.83 13.55
C TRP B 100 12.64 24.75 14.42
N GLY B 101 13.96 24.60 14.42
CA GLY B 101 14.80 25.52 15.18
C GLY B 101 14.52 25.41 16.66
N LYS B 102 14.34 26.57 17.30
CA LYS B 102 13.99 26.62 18.72
C LYS B 102 12.56 26.15 18.98
N GLY B 103 11.80 25.82 17.94
CA GLY B 103 10.44 25.36 18.11
C GLY B 103 9.48 26.44 18.58
N HIS B 104 9.54 27.60 17.92
CA HIS B 104 8.70 28.72 18.32
C HIS B 104 8.04 29.43 17.16
N GLY B 105 8.31 29.06 15.91
CA GLY B 105 7.65 29.68 14.78
C GLY B 105 8.56 29.93 13.59
N ASP B 106 9.78 30.40 13.86
CA ASP B 106 10.72 30.72 12.79
C ASP B 106 11.17 29.43 12.11
N VAL B 107 10.51 29.08 11.01
CA VAL B 107 10.74 27.81 10.32
C VAL B 107 11.50 28.06 9.03
N ARG B 108 12.31 27.08 8.64
CA ARG B 108 13.02 27.09 7.37
C ARG B 108 12.30 26.17 6.40
N LYS B 109 11.75 26.74 5.33
CA LYS B 109 11.01 25.99 4.34
C LYS B 109 11.91 25.42 3.24
N VAL B 110 13.23 25.57 3.36
CA VAL B 110 14.19 25.04 2.40
C VAL B 110 15.28 24.30 3.16
N LEU B 111 15.57 23.06 2.74
CA LEU B 111 16.66 22.30 3.33
C LEU B 111 17.90 22.45 2.46
N PRO B 112 19.01 22.95 3.01
CA PRO B 112 20.20 23.18 2.18
C PRO B 112 20.73 21.89 1.55
N ARG B 113 21.41 22.06 0.42
CA ARG B 113 21.80 20.90 -0.39
C ARG B 113 22.93 20.10 0.25
N ASN B 114 23.82 20.75 1.00
CA ASN B 114 24.93 20.03 1.62
C ASN B 114 24.46 18.98 2.62
N ILE B 115 23.19 18.99 2.99
CA ILE B 115 22.60 17.91 3.77
C ILE B 115 21.44 17.24 3.06
N ALA B 116 20.74 17.92 2.14
CA ALA B 116 19.57 17.33 1.50
C ALA B 116 19.98 16.26 0.49
N VAL B 117 21.06 16.48 -0.25
CA VAL B 117 21.50 15.53 -1.27
C VAL B 117 22.04 14.26 -0.62
N PRO B 118 22.88 14.32 0.43
CA PRO B 118 23.25 13.07 1.11
C PRO B 118 22.08 12.41 1.82
N TYR B 119 21.09 13.19 2.27
CA TYR B 119 19.95 12.62 2.98
C TYR B 119 19.04 11.85 2.02
N CYS B 120 18.62 12.50 0.93
CA CYS B 120 17.69 11.86 0.00
C CYS B 120 18.31 10.68 -0.71
N GLN B 121 19.64 10.68 -0.88
CA GLN B 121 20.30 9.51 -1.46
C GLN B 121 20.23 8.32 -0.51
N LEU B 122 20.49 8.55 0.78
CA LEU B 122 20.38 7.47 1.76
C LEU B 122 18.92 7.07 1.98
N SER B 123 18.00 8.03 1.90
CA SER B 123 16.58 7.70 2.04
C SER B 123 16.11 6.85 0.87
N LYS B 124 16.44 7.26 -0.36
CA LYS B 124 16.08 6.47 -1.53
C LYS B 124 16.80 5.13 -1.54
N LYS B 125 17.99 5.05 -0.94
CA LYS B 125 18.74 3.80 -0.90
C LYS B 125 18.04 2.78 -0.01
N LEU B 126 17.59 3.20 1.17
CA LEU B 126 16.94 2.31 2.12
C LEU B 126 15.43 2.24 1.93
N GLU B 127 14.90 2.84 0.86
CA GLU B 127 13.47 2.84 0.57
C GLU B 127 12.66 3.46 1.70
N LEU B 128 13.19 4.53 2.29
CA LEU B 128 12.53 5.26 3.37
C LEU B 128 12.31 6.71 2.97
N PRO B 129 11.27 7.35 3.50
CA PRO B 129 11.02 8.75 3.14
C PRO B 129 12.04 9.66 3.80
N PRO B 130 12.33 10.83 3.21
CA PRO B 130 13.32 11.76 3.77
C PRO B 130 12.78 12.58 4.93
N ILE B 131 12.37 11.91 5.99
CA ILE B 131 11.90 12.55 7.21
C ILE B 131 12.11 11.59 8.37
N LEU B 132 12.17 12.14 9.58
CA LEU B 132 12.36 11.33 10.77
C LEU B 132 11.14 10.45 10.99
N VAL B 133 11.38 9.15 11.15
CA VAL B 133 10.31 8.17 11.28
C VAL B 133 10.53 7.33 12.53
N TYR B 134 9.52 6.53 12.86
CA TYR B 134 9.60 5.62 14.00
C TYR B 134 10.81 4.69 13.89
N ALA B 135 11.06 4.17 12.69
CA ALA B 135 12.17 3.24 12.50
C ALA B 135 13.52 3.90 12.72
N ASP B 136 13.58 5.24 12.68
CA ASP B 136 14.82 5.96 12.91
C ASP B 136 15.03 6.28 14.39
N CYS B 137 14.10 7.01 15.00
CA CYS B 137 14.28 7.54 16.34
C CYS B 137 13.86 6.57 17.44
N VAL B 138 13.49 5.33 17.08
CA VAL B 138 13.10 4.35 18.09
C VAL B 138 13.82 3.03 17.85
N LEU B 139 13.80 2.55 16.60
CA LEU B 139 14.33 1.23 16.30
C LEU B 139 15.85 1.26 16.12
N ALA B 140 16.42 2.40 15.74
CA ALA B 140 17.86 2.53 15.56
C ALA B 140 18.45 3.61 16.46
N ASN B 141 17.71 4.03 17.49
CA ASN B 141 18.15 5.11 18.37
C ASN B 141 18.32 4.59 19.79
N TRP B 142 19.16 3.58 19.97
CA TRP B 142 19.35 2.98 21.29
C TRP B 142 20.71 2.29 21.34
N LYS B 143 21.14 1.98 22.56
CA LYS B 143 22.40 1.27 22.79
C LYS B 143 22.35 0.66 24.19
N LYS B 144 23.14 -0.39 24.38
CA LYS B 144 23.32 -0.99 25.70
C LYS B 144 24.45 -0.28 26.42
N LYS B 145 24.16 0.26 27.62
CA LYS B 145 25.23 0.79 28.45
C LYS B 145 26.22 -0.31 28.82
N ASP B 146 25.70 -1.46 29.25
CA ASP B 146 26.50 -2.64 29.56
C ASP B 146 26.22 -3.72 28.54
N PRO B 147 27.20 -4.12 27.73
CA PRO B 147 26.92 -5.08 26.65
C PRO B 147 26.43 -6.44 27.13
N ASN B 148 26.72 -6.82 28.37
CA ASN B 148 26.34 -8.14 28.87
C ASN B 148 25.10 -8.11 29.76
N LYS B 149 24.73 -6.96 30.31
CA LYS B 149 23.52 -6.89 31.11
C LYS B 149 22.30 -6.83 30.19
N PRO B 150 21.19 -7.45 30.60
CA PRO B 150 20.07 -7.64 29.67
C PRO B 150 19.37 -6.32 29.33
N LEU B 151 18.43 -6.42 28.39
CA LEU B 151 17.69 -5.27 27.90
C LEU B 151 16.69 -4.77 28.93
N THR B 152 17.12 -3.88 29.80
CA THR B 152 16.24 -3.18 30.73
C THR B 152 16.48 -1.68 30.58
N TYR B 153 15.53 -0.90 31.10
CA TYR B 153 15.60 0.55 30.92
C TYR B 153 16.87 1.13 31.51
N GLU B 154 17.17 0.81 32.77
CA GLU B 154 18.34 1.36 33.44
C GLU B 154 19.66 0.91 32.81
N ASN B 155 19.61 0.02 31.82
CA ASN B 155 20.81 -0.47 31.16
C ASN B 155 20.98 0.08 29.75
N MET B 156 20.02 0.82 29.23
CA MET B 156 20.11 1.34 27.87
C MET B 156 20.04 2.86 27.86
N ASP B 157 20.28 3.42 26.67
CA ASP B 157 20.29 4.86 26.46
C ASP B 157 19.93 5.13 25.00
N VAL B 158 19.37 6.31 24.76
CA VAL B 158 19.14 6.77 23.40
C VAL B 158 20.45 7.31 22.86
N LEU B 159 20.48 7.67 21.57
CA LEU B 159 21.69 8.21 20.96
C LEU B 159 21.63 9.71 20.71
N PHE B 160 20.45 10.26 20.41
CA PHE B 160 20.32 11.68 20.11
C PHE B 160 19.03 12.21 20.70
N SER B 161 19.05 13.50 21.03
CA SER B 161 17.89 14.19 21.59
C SER B 161 17.77 15.55 20.90
N PHE B 162 16.72 16.28 21.25
CA PHE B 162 16.41 17.57 20.63
C PHE B 162 16.71 18.74 21.55
N ARG B 163 16.07 18.80 22.71
CA ARG B 163 16.29 19.86 23.68
C ARG B 163 16.71 19.26 25.01
N ASP B 164 17.29 20.10 25.86
CA ASP B 164 17.63 19.71 27.22
C ASP B 164 16.36 19.69 28.05
N GLY B 165 15.94 18.49 28.47
CA GLY B 165 14.71 18.36 29.24
C GLY B 165 13.48 18.21 28.35
N ASP B 166 13.60 17.42 27.29
CA ASP B 166 12.48 17.13 26.41
C ASP B 166 11.86 15.77 26.69
N CYS B 167 12.39 15.03 27.67
CA CYS B 167 11.91 13.69 28.03
C CYS B 167 11.96 12.74 26.83
N SER B 168 12.96 12.90 25.97
CA SER B 168 13.09 12.06 24.79
C SER B 168 13.79 10.74 25.08
N LYS B 169 14.59 10.66 26.14
CA LYS B 169 15.20 9.38 26.51
C LYS B 169 14.14 8.36 26.88
N GLY B 170 13.17 8.78 27.71
CA GLY B 170 12.13 7.86 28.11
C GLY B 170 11.13 7.58 27.01
N PHE B 171 10.71 8.62 26.28
CA PHE B 171 9.69 8.45 25.26
C PHE B 171 10.12 7.47 24.18
N PHE B 172 11.40 7.49 23.80
CA PHE B 172 11.87 6.59 22.75
C PHE B 172 12.18 5.21 23.31
N LEU B 173 12.83 5.12 24.48
CA LEU B 173 13.20 3.82 25.02
C LEU B 173 11.97 3.04 25.49
N VAL B 174 10.98 3.73 26.08
CA VAL B 174 9.76 3.05 26.48
C VAL B 174 9.04 2.49 25.25
N SER B 175 9.07 3.24 24.14
CA SER B 175 8.57 2.70 22.88
C SER B 175 9.34 1.46 22.46
N LEU B 176 10.68 1.52 22.59
CA LEU B 176 11.51 0.37 22.26
C LEU B 176 11.21 -0.81 23.18
N LEU B 177 11.05 -0.54 24.48
CA LEU B 177 10.79 -1.61 25.43
C LEU B 177 9.48 -2.33 25.13
N VAL B 178 8.48 -1.60 24.61
CA VAL B 178 7.26 -2.26 24.17
C VAL B 178 7.52 -3.04 22.88
N GLU B 179 8.38 -2.49 22.01
CA GLU B 179 8.73 -3.19 20.78
C GLU B 179 9.46 -4.50 21.06
N ILE B 180 10.29 -4.53 22.11
CA ILE B 180 10.98 -5.76 22.48
C ILE B 180 10.00 -6.75 23.10
N ALA B 181 9.03 -6.25 23.86
CA ALA B 181 8.05 -7.14 24.48
C ALA B 181 7.23 -7.87 23.43
N ALA B 182 6.92 -7.20 22.32
CA ALA B 182 6.18 -7.86 21.24
C ALA B 182 7.05 -8.83 20.46
N ALA B 183 8.38 -8.68 20.52
CA ALA B 183 9.25 -9.60 19.80
C ALA B 183 9.10 -11.03 20.29
N SER B 184 8.72 -11.22 21.56
CA SER B 184 8.45 -12.55 22.08
C SER B 184 7.15 -13.13 21.55
N ALA B 185 6.35 -12.34 20.83
CA ALA B 185 5.12 -12.82 20.21
C ALA B 185 5.20 -12.89 18.69
N ILE B 186 6.08 -12.12 18.06
CA ILE B 186 6.19 -12.14 16.60
C ILE B 186 6.76 -13.46 16.13
N LYS B 187 7.71 -14.03 16.88
CA LYS B 187 8.29 -15.31 16.49
C LYS B 187 7.33 -16.47 16.63
N VAL B 188 6.15 -16.25 17.24
CA VAL B 188 5.11 -17.28 17.28
C VAL B 188 4.20 -17.20 16.06
N ILE B 189 4.27 -16.10 15.29
CA ILE B 189 3.41 -15.96 14.12
C ILE B 189 3.61 -17.09 13.10
N PRO B 190 4.84 -17.51 12.77
CA PRO B 190 4.98 -18.65 11.84
C PRO B 190 4.34 -19.93 12.36
N THR B 191 4.17 -20.08 13.67
CA THR B 191 3.53 -21.27 14.22
C THR B 191 2.02 -21.26 14.02
N VAL B 192 1.42 -20.06 13.98
CA VAL B 192 -0.03 -19.97 13.81
C VAL B 192 -0.45 -20.50 12.44
N PHE B 193 0.19 -19.99 11.38
CA PHE B 193 -0.12 -20.47 10.03
C PHE B 193 0.36 -21.89 9.79
N LYS B 194 1.34 -22.35 10.58
CA LYS B 194 1.80 -23.73 10.45
C LYS B 194 0.75 -24.72 10.92
N ALA B 195 0.00 -24.36 11.96
CA ALA B 195 -1.06 -25.23 12.45
C ALA B 195 -2.30 -25.13 11.57
N MET B 196 -2.61 -23.94 11.05
CA MET B 196 -3.75 -23.78 10.16
C MET B 196 -3.58 -24.60 8.89
N GLN B 197 -2.36 -24.65 8.36
CA GLN B 197 -2.10 -25.41 7.14
C GLN B 197 -2.20 -26.91 7.38
N MET B 198 -1.71 -27.38 8.54
CA MET B 198 -1.63 -28.80 8.83
C MET B 198 -2.78 -29.30 9.70
N GLN B 199 -3.78 -28.46 9.97
CA GLN B 199 -4.95 -28.84 10.76
C GLN B 199 -4.53 -29.43 12.12
N GLU B 200 -3.91 -28.59 12.93
CA GLU B 200 -3.45 -28.96 14.27
C GLU B 200 -4.15 -28.03 15.26
N ARG B 201 -5.28 -28.50 15.82
CA ARG B 201 -6.07 -27.66 16.70
C ARG B 201 -5.35 -27.37 18.00
N ASP B 202 -4.72 -28.38 18.60
CA ASP B 202 -4.07 -28.21 19.89
C ASP B 202 -2.90 -27.24 19.80
N THR B 203 -2.08 -27.38 18.74
CA THR B 203 -0.96 -26.47 18.56
C THR B 203 -1.42 -25.04 18.27
N LEU B 204 -2.55 -24.89 17.57
CA LEU B 204 -3.06 -23.55 17.30
C LEU B 204 -3.59 -22.89 18.55
N LEU B 205 -4.32 -23.64 19.39
CA LEU B 205 -4.84 -23.10 20.63
C LEU B 205 -3.70 -22.70 21.57
N LYS B 206 -2.64 -23.50 21.61
CA LYS B 206 -1.51 -23.20 22.48
C LYS B 206 -0.75 -21.97 21.97
N ALA B 207 -0.49 -21.91 20.67
CA ALA B 207 0.25 -20.77 20.11
C ALA B 207 -0.53 -19.47 20.26
N LEU B 208 -1.86 -19.54 20.14
CA LEU B 208 -2.67 -18.34 20.32
C LEU B 208 -2.63 -17.86 21.77
N LEU B 209 -2.62 -18.80 22.72
CA LEU B 209 -2.53 -18.43 24.12
C LEU B 209 -1.20 -17.79 24.44
N GLU B 210 -0.11 -18.30 23.86
CA GLU B 210 1.20 -17.73 24.12
C GLU B 210 1.31 -16.31 23.58
N ILE B 211 0.76 -16.06 22.40
CA ILE B 211 0.78 -14.71 21.83
C ILE B 211 -0.03 -13.75 22.70
N ALA B 212 -1.18 -14.20 23.20
CA ALA B 212 -2.00 -13.36 24.06
C ALA B 212 -1.28 -12.99 25.36
N SER B 213 -0.42 -13.89 25.84
CA SER B 213 0.29 -13.61 27.09
C SER B 213 1.38 -12.56 26.89
N CYS B 214 2.08 -12.61 25.76
CA CYS B 214 3.14 -11.64 25.51
C CYS B 214 2.60 -10.24 25.27
N LEU B 215 1.40 -10.13 24.68
CA LEU B 215 0.78 -8.82 24.55
C LEU B 215 0.34 -8.28 25.91
N GLU B 216 0.03 -9.17 26.86
CA GLU B 216 -0.20 -8.74 28.23
C GLU B 216 1.08 -8.22 28.86
N LYS B 217 2.21 -8.88 28.58
CA LYS B 217 3.50 -8.38 29.03
C LYS B 217 3.76 -6.98 28.51
N ALA B 218 3.46 -6.74 27.24
CA ALA B 218 3.78 -5.46 26.61
C ALA B 218 3.07 -4.30 27.29
N LEU B 219 1.84 -4.53 27.77
CA LEU B 219 1.11 -3.46 28.43
C LEU B 219 1.78 -3.07 29.75
N GLN B 220 2.32 -4.06 30.47
CA GLN B 220 3.02 -3.74 31.71
C GLN B 220 4.35 -3.05 31.44
N VAL B 221 4.99 -3.36 30.31
CA VAL B 221 6.18 -2.60 29.90
C VAL B 221 5.78 -1.19 29.46
N PHE B 222 4.61 -1.07 28.82
CA PHE B 222 4.07 0.23 28.46
C PHE B 222 3.91 1.12 29.69
N HIS B 223 3.59 0.52 30.84
CA HIS B 223 3.29 1.28 32.05
C HIS B 223 4.43 2.17 32.51
N GLN B 224 5.66 1.92 32.04
CA GLN B 224 6.83 2.68 32.47
C GLN B 224 6.84 4.11 31.94
N ILE B 225 5.81 4.53 31.20
CA ILE B 225 5.87 5.83 30.53
C ILE B 225 5.85 6.98 31.54
N HIS B 226 5.20 6.80 32.69
CA HIS B 226 5.20 7.85 33.70
C HIS B 226 6.53 7.98 34.42
N ASP B 227 7.33 6.90 34.45
CA ASP B 227 8.62 6.95 35.12
C ASP B 227 9.61 7.85 34.41
N HIS B 228 9.40 8.15 33.13
CA HIS B 228 10.45 8.80 32.35
C HIS B 228 9.95 9.90 31.42
N VAL B 229 8.67 10.28 31.47
CA VAL B 229 8.12 11.33 30.62
C VAL B 229 7.32 12.30 31.47
N ASN B 230 7.44 13.60 31.15
CA ASN B 230 6.74 14.71 31.77
C ASN B 230 5.68 15.26 30.82
N PRO B 231 4.49 15.63 31.33
CA PRO B 231 3.38 16.04 30.44
C PRO B 231 3.69 17.20 29.51
N LYS B 232 3.94 18.38 30.06
CA LYS B 232 4.10 19.56 29.22
C LYS B 232 5.46 19.66 28.56
N ALA B 233 6.46 18.91 29.04
CA ALA B 233 7.74 18.86 28.35
C ALA B 233 7.65 18.09 27.04
N PHE B 234 6.61 17.29 26.86
CA PHE B 234 6.38 16.53 25.63
C PHE B 234 5.50 17.30 24.65
N PHE B 235 4.41 17.89 25.14
CA PHE B 235 3.49 18.60 24.26
C PHE B 235 4.12 19.85 23.67
N SER B 236 4.82 20.62 24.49
CA SER B 236 5.34 21.92 24.06
C SER B 236 6.72 21.82 23.41
N VAL B 237 7.54 20.85 23.81
CA VAL B 237 8.92 20.76 23.35
C VAL B 237 9.10 19.62 22.35
N LEU B 238 8.87 18.38 22.79
CA LEU B 238 9.20 17.23 21.95
C LEU B 238 8.23 17.08 20.78
N ARG B 239 6.96 17.45 20.96
CA ARG B 239 5.98 17.29 19.89
C ARG B 239 6.31 18.18 18.70
N ILE B 240 6.80 19.39 18.95
CA ILE B 240 7.07 20.34 17.88
C ILE B 240 8.13 19.79 16.94
N TYR B 241 9.16 19.14 17.50
CA TYR B 241 10.25 18.63 16.68
C TYR B 241 9.90 17.33 15.97
N LEU B 242 8.82 16.66 16.39
CA LEU B 242 8.39 15.42 15.74
C LEU B 242 7.34 15.67 14.66
N SER B 243 6.74 16.85 14.62
CA SER B 243 5.76 17.16 13.58
C SER B 243 6.46 17.31 12.24
N GLY B 244 5.79 16.86 11.18
CA GLY B 244 6.36 16.91 9.85
C GLY B 244 5.76 18.00 8.99
N TRP B 245 5.76 17.77 7.67
CA TRP B 245 5.28 18.75 6.70
C TRP B 245 4.40 18.04 5.66
N LYS B 246 3.25 17.52 6.12
CA LYS B 246 2.20 17.04 5.24
C LYS B 246 0.87 17.48 5.83
N GLY B 247 0.21 18.41 5.14
CA GLY B 247 -0.96 19.05 5.71
C GLY B 247 -0.65 19.98 6.87
N ASN B 248 0.61 20.36 7.04
CA ASN B 248 1.00 21.25 8.12
C ASN B 248 0.77 22.70 7.69
N PRO B 249 0.01 23.48 8.45
CA PRO B 249 -0.23 24.88 8.05
C PRO B 249 1.02 25.71 7.97
N GLN B 250 2.02 25.46 8.82
CA GLN B 250 3.24 26.25 8.79
C GLN B 250 3.99 26.07 7.47
N LEU B 251 4.06 24.83 6.97
CA LEU B 251 4.71 24.50 5.71
C LEU B 251 3.64 23.92 4.78
N SER B 252 2.78 24.80 4.26
CA SER B 252 1.61 24.36 3.50
C SER B 252 1.96 23.66 2.20
N ASP B 253 3.16 23.90 1.65
CA ASP B 253 3.55 23.31 0.37
C ASP B 253 4.56 22.18 0.53
N GLY B 254 4.99 21.87 1.74
CA GLY B 254 5.99 20.85 1.97
C GLY B 254 7.37 21.44 2.25
N LEU B 255 8.38 20.63 1.98
CA LEU B 255 9.76 21.00 2.23
C LEU B 255 10.57 20.93 0.95
N VAL B 256 11.42 21.93 0.73
CA VAL B 256 12.32 21.94 -0.42
C VAL B 256 13.56 21.13 -0.07
N TYR B 257 13.86 20.13 -0.89
CA TYR B 257 15.06 19.31 -0.74
C TYR B 257 16.03 19.78 -1.83
N GLU B 258 16.80 20.81 -1.51
CA GLU B 258 17.63 21.50 -2.50
C GLU B 258 18.65 20.54 -3.11
N GLY B 259 18.73 20.54 -4.43
CA GLY B 259 19.62 19.65 -5.13
C GLY B 259 19.13 18.24 -5.29
N PHE B 260 17.83 18.01 -5.14
CA PHE B 260 17.27 16.67 -5.28
C PHE B 260 15.84 16.71 -5.81
N TRP B 261 15.08 17.71 -5.40
CA TRP B 261 13.70 17.87 -5.87
C TRP B 261 13.47 19.34 -6.20
N GLU B 262 13.10 19.61 -7.45
CA GLU B 262 12.87 20.98 -7.87
C GLU B 262 11.60 21.55 -7.26
N ASP B 263 10.57 20.72 -7.07
CA ASP B 263 9.35 21.10 -6.40
C ASP B 263 9.38 20.71 -4.93
N PRO B 264 8.68 21.46 -4.06
CA PRO B 264 8.62 21.07 -2.66
C PRO B 264 7.83 19.77 -2.49
N LYS B 265 8.35 18.90 -1.64
CA LYS B 265 7.76 17.59 -1.41
C LYS B 265 7.11 17.53 -0.03
N GLU B 266 6.02 16.78 0.06
CA GLU B 266 5.18 16.74 1.26
C GLU B 266 5.29 15.36 1.88
N PHE B 267 5.80 15.30 3.12
CA PHE B 267 5.90 14.06 3.87
C PHE B 267 5.37 14.24 5.29
N ALA B 268 4.68 13.23 5.79
CA ALA B 268 4.13 13.30 7.14
C ALA B 268 5.22 13.07 8.18
N GLY B 269 4.93 13.49 9.41
CA GLY B 269 5.88 13.41 10.50
C GLY B 269 6.00 12.01 11.08
N GLY B 270 6.26 11.96 12.38
CA GLY B 270 6.39 10.70 13.09
C GLY B 270 5.13 10.43 13.91
N SER B 271 4.68 9.18 13.88
CA SER B 271 3.47 8.79 14.59
C SER B 271 3.61 7.36 15.08
N ALA B 272 2.79 7.00 16.06
CA ALA B 272 2.78 5.64 16.58
C ALA B 272 2.32 4.63 15.54
N GLY B 273 1.58 5.08 14.53
CA GLY B 273 1.13 4.20 13.46
C GLY B 273 2.23 3.70 12.56
N GLN B 274 3.41 4.32 12.61
CA GLN B 274 4.56 3.85 11.83
C GLN B 274 5.22 2.62 12.45
N SER B 275 4.87 2.27 13.69
CA SER B 275 5.40 1.06 14.29
C SER B 275 4.81 -0.16 13.61
N SER B 276 5.66 -1.12 13.26
CA SER B 276 5.18 -2.35 12.65
C SER B 276 4.35 -3.16 13.63
N VAL B 277 4.78 -3.21 14.90
CA VAL B 277 4.05 -3.94 15.92
C VAL B 277 2.63 -3.39 16.08
N PHE B 278 2.43 -2.11 15.79
CA PHE B 278 1.11 -1.49 15.90
C PHE B 278 0.09 -2.25 15.08
N GLN B 279 0.36 -2.47 13.80
CA GLN B 279 -0.55 -3.17 12.91
C GLN B 279 -0.18 -4.63 12.69
N CYS B 280 0.92 -5.11 13.30
CA CYS B 280 1.39 -6.47 13.04
C CYS B 280 0.36 -7.50 13.46
N PHE B 281 -0.31 -7.28 14.59
CA PHE B 281 -1.23 -8.28 15.12
C PHE B 281 -2.67 -8.06 14.66
N ASP B 282 -3.07 -6.81 14.39
CA ASP B 282 -4.36 -6.58 13.77
C ASP B 282 -4.44 -7.28 12.42
N VAL B 283 -3.35 -7.27 11.67
CA VAL B 283 -3.30 -8.02 10.41
C VAL B 283 -3.36 -9.52 10.67
N LEU B 284 -2.68 -9.97 11.73
CA LEU B 284 -2.66 -11.41 12.04
C LEU B 284 -4.04 -11.91 12.41
N LEU B 285 -4.73 -11.22 13.31
CA LEU B 285 -6.03 -11.66 13.80
C LEU B 285 -7.18 -11.32 12.86
N GLY B 286 -6.88 -10.81 11.66
CA GLY B 286 -7.91 -10.48 10.70
C GLY B 286 -8.69 -9.21 11.01
N ILE B 287 -8.33 -8.48 12.06
CA ILE B 287 -8.94 -7.19 12.35
C ILE B 287 -8.60 -6.25 11.21
N GLN B 288 -9.56 -5.99 10.32
CA GLN B 288 -9.29 -5.20 9.13
C GLN B 288 -9.29 -3.72 9.51
N GLN B 289 -8.17 -3.31 10.12
CA GLN B 289 -7.89 -1.90 10.39
C GLN B 289 -7.65 -1.10 9.13
N THR B 290 -7.44 -1.77 7.99
CA THR B 290 -7.16 -1.11 6.73
C THR B 290 -8.31 -1.24 5.74
N ALA B 291 -9.44 -1.80 6.15
CA ALA B 291 -10.61 -1.93 5.29
C ALA B 291 -11.62 -0.83 5.62
N GLY B 292 -12.70 -0.81 4.84
CA GLY B 292 -13.71 0.22 4.98
C GLY B 292 -13.32 1.47 4.23
N GLY B 293 -12.15 2.02 4.55
CA GLY B 293 -11.64 3.20 3.90
C GLY B 293 -11.74 4.50 4.69
N GLY B 294 -11.93 4.43 6.00
CA GLY B 294 -12.03 5.64 6.79
C GLY B 294 -10.73 6.41 6.85
N HIS B 295 -10.80 7.58 7.48
CA HIS B 295 -9.60 8.41 7.66
C HIS B 295 -8.52 7.64 8.42
N ALA B 296 -8.90 6.73 9.31
CA ALA B 296 -7.98 5.88 10.04
C ALA B 296 -7.51 4.68 9.23
N ALA B 297 -8.40 4.06 8.46
CA ALA B 297 -8.01 2.90 7.67
C ALA B 297 -6.98 3.27 6.60
N GLN B 298 -7.18 4.40 5.92
CA GLN B 298 -6.19 4.86 4.95
C GLN B 298 -4.90 5.26 5.65
N PHE B 299 -5.02 5.88 6.84
CA PHE B 299 -3.85 6.32 7.60
C PHE B 299 -2.89 5.18 7.85
N LEU B 300 -3.38 4.07 8.40
CA LEU B 300 -2.53 2.92 8.67
C LEU B 300 -1.95 2.33 7.40
N GLN B 301 -2.70 2.36 6.30
CA GLN B 301 -2.18 1.84 5.05
C GLN B 301 -1.03 2.69 4.51
N ASP B 302 -1.10 4.00 4.72
CA ASP B 302 -0.03 4.88 4.26
C ASP B 302 1.24 4.66 5.06
N MET B 303 1.14 4.60 6.39
CA MET B 303 2.31 4.55 7.26
C MET B 303 3.17 3.31 7.05
N ARG B 304 2.69 2.33 6.28
CA ARG B 304 3.55 1.22 5.89
C ARG B 304 4.73 1.72 5.08
N ARG B 305 4.48 2.60 4.11
CA ARG B 305 5.56 3.19 3.32
C ARG B 305 6.53 4.01 4.17
N TYR B 306 6.19 4.30 5.42
CA TYR B 306 7.11 4.92 6.36
C TYR B 306 7.94 3.91 7.14
N MET B 307 7.59 2.63 7.06
CA MET B 307 8.37 1.56 7.66
C MET B 307 9.51 1.16 6.74
N PRO B 308 10.49 0.43 7.25
CA PRO B 308 11.52 -0.16 6.38
C PRO B 308 10.90 -1.07 5.33
N PRO B 309 11.57 -1.25 4.18
CA PRO B 309 10.97 -2.10 3.14
C PRO B 309 10.79 -3.55 3.56
N ALA B 310 11.74 -4.10 4.31
CA ALA B 310 11.61 -5.48 4.78
C ALA B 310 10.41 -5.64 5.72
N HIS B 311 10.10 -4.61 6.50
CA HIS B 311 8.94 -4.67 7.38
C HIS B 311 7.64 -4.42 6.64
N ARG B 312 7.67 -3.58 5.60
CA ARG B 312 6.52 -3.46 4.71
C ARG B 312 6.15 -4.81 4.12
N ASN B 313 7.16 -5.60 3.76
CA ASN B 313 6.90 -6.89 3.12
C ASN B 313 6.39 -7.92 4.11
N PHE B 314 6.71 -7.77 5.40
CA PHE B 314 6.25 -8.73 6.39
C PHE B 314 4.76 -8.59 6.65
N LEU B 315 4.31 -7.38 7.00
CA LEU B 315 2.87 -7.12 7.13
C LEU B 315 2.13 -7.57 5.89
N CYS B 316 2.67 -7.24 4.73
CA CYS B 316 2.02 -7.60 3.46
C CYS B 316 1.94 -9.11 3.28
N SER B 317 2.97 -9.84 3.71
CA SER B 317 2.96 -11.29 3.56
C SER B 317 1.92 -11.96 4.45
N LEU B 318 1.61 -11.34 5.60
CA LEU B 318 0.60 -11.90 6.48
C LEU B 318 -0.79 -11.80 5.87
N GLU B 319 -1.08 -10.69 5.18
CA GLU B 319 -2.37 -10.53 4.51
C GLU B 319 -2.57 -11.57 3.42
N SER B 320 -1.49 -12.11 2.86
CA SER B 320 -1.62 -13.18 1.87
C SER B 320 -2.01 -14.50 2.52
N ASN B 321 -1.40 -14.80 3.67
CA ASN B 321 -1.70 -16.05 4.36
C ASN B 321 -3.17 -16.09 4.78
N PRO B 322 -3.75 -17.28 4.91
CA PRO B 322 -5.18 -17.37 5.22
C PRO B 322 -5.54 -16.66 6.51
N SER B 323 -6.76 -16.14 6.56
CA SER B 323 -7.22 -15.37 7.71
C SER B 323 -7.40 -16.28 8.92
N VAL B 324 -6.82 -15.87 10.05
CA VAL B 324 -6.98 -16.63 11.28
C VAL B 324 -8.39 -16.48 11.82
N ARG B 325 -9.05 -15.36 11.51
CA ARG B 325 -10.42 -15.15 11.97
C ARG B 325 -11.39 -16.12 11.29
N GLU B 326 -11.22 -16.32 9.98
CA GLU B 326 -12.09 -17.24 9.25
C GLU B 326 -11.87 -18.68 9.70
N PHE B 327 -10.65 -19.04 10.11
CA PHE B 327 -10.39 -20.38 10.59
C PHE B 327 -11.05 -20.63 11.94
N VAL B 328 -10.93 -19.67 12.87
CA VAL B 328 -11.48 -19.84 14.20
C VAL B 328 -13.00 -19.82 14.15
N LEU B 329 -13.58 -18.95 13.31
CA LEU B 329 -15.03 -18.88 13.22
C LEU B 329 -15.62 -20.16 12.63
N SER B 330 -14.83 -20.90 11.86
CA SER B 330 -15.36 -22.07 11.18
C SER B 330 -15.35 -23.31 12.08
N LYS B 331 -14.29 -23.47 12.87
CA LYS B 331 -14.11 -24.71 13.62
C LYS B 331 -15.18 -24.93 14.67
N GLY B 332 -15.90 -23.88 15.07
CA GLY B 332 -16.85 -24.02 16.15
C GLY B 332 -16.22 -24.49 17.45
N ASP B 333 -14.96 -24.15 17.67
CA ASP B 333 -14.21 -24.59 18.83
C ASP B 333 -14.35 -23.55 19.94
N ALA B 334 -14.91 -23.94 21.08
CA ALA B 334 -15.19 -22.98 22.15
C ALA B 334 -13.90 -22.44 22.75
N GLY B 335 -12.94 -23.32 23.03
CA GLY B 335 -11.67 -22.86 23.57
C GLY B 335 -10.86 -22.05 22.58
N LEU B 336 -10.96 -22.37 21.29
CA LEU B 336 -10.24 -21.62 20.27
C LEU B 336 -10.78 -20.21 20.15
N ARG B 337 -12.10 -20.04 20.25
CA ARG B 337 -12.68 -18.70 20.21
C ARG B 337 -12.26 -17.88 21.43
N GLU B 338 -12.08 -18.53 22.58
CA GLU B 338 -11.55 -17.83 23.75
C GLU B 338 -10.09 -17.45 23.54
N ALA B 339 -9.31 -18.35 22.91
CA ALA B 339 -7.91 -18.05 22.65
C ALA B 339 -7.76 -16.93 21.62
N TYR B 340 -8.62 -16.91 20.61
CA TYR B 340 -8.63 -15.81 19.65
C TYR B 340 -9.05 -14.51 20.34
N ASP B 341 -10.12 -14.56 21.13
CA ASP B 341 -10.55 -13.39 21.89
C ASP B 341 -9.52 -12.97 22.92
N ALA B 342 -8.61 -13.87 23.30
CA ALA B 342 -7.59 -13.51 24.28
C ALA B 342 -6.56 -12.56 23.70
N CYS B 343 -6.22 -12.72 22.42
CA CYS B 343 -5.30 -11.79 21.78
C CYS B 343 -5.98 -10.46 21.45
N VAL B 344 -7.27 -10.50 21.08
CA VAL B 344 -8.00 -9.27 20.84
C VAL B 344 -8.21 -8.51 22.14
N LYS B 345 -8.50 -9.22 23.23
CA LYS B 345 -8.70 -8.58 24.52
C LYS B 345 -7.44 -7.83 24.97
N ALA B 346 -6.27 -8.39 24.70
CA ALA B 346 -5.02 -7.70 25.02
C ALA B 346 -4.81 -6.50 24.13
N LEU B 347 -5.27 -6.56 22.87
CA LEU B 347 -5.13 -5.41 21.98
C LEU B 347 -6.02 -4.27 22.42
N VAL B 348 -7.29 -4.56 22.76
CA VAL B 348 -8.17 -3.52 23.29
C VAL B 348 -7.61 -2.96 24.59
N SER B 349 -6.99 -3.82 25.41
CA SER B 349 -6.34 -3.34 26.63
C SER B 349 -5.15 -2.46 26.31
N LEU B 350 -4.44 -2.74 25.22
CA LEU B 350 -3.30 -1.91 24.84
C LEU B 350 -3.76 -0.57 24.28
N ARG B 351 -4.79 -0.58 23.43
CA ARG B 351 -5.30 0.67 22.88
C ARG B 351 -6.09 1.47 23.90
N SER B 352 -6.58 0.82 24.96
CA SER B 352 -7.27 1.55 26.03
C SER B 352 -6.28 2.32 26.91
N TYR B 353 -5.09 1.76 27.12
CA TYR B 353 -4.08 2.47 27.91
C TYR B 353 -3.36 3.52 27.06
N HIS B 354 -3.09 3.20 25.79
CA HIS B 354 -2.52 4.20 24.88
C HIS B 354 -3.46 5.38 24.69
N LEU B 355 -4.77 5.14 24.73
CA LEU B 355 -5.73 6.24 24.64
C LEU B 355 -5.68 7.12 25.88
N GLN B 356 -5.55 6.51 27.06
CA GLN B 356 -5.43 7.28 28.30
C GLN B 356 -4.15 8.11 28.31
N ILE B 357 -3.05 7.53 27.81
CA ILE B 357 -1.76 8.22 27.84
C ILE B 357 -1.80 9.48 26.98
N VAL B 358 -2.51 9.43 25.85
CA VAL B 358 -2.54 10.57 24.95
C VAL B 358 -3.28 11.74 25.57
N THR B 359 -4.37 11.48 26.30
CA THR B 359 -5.11 12.56 26.93
C THR B 359 -4.29 13.26 28.02
N LYS B 360 -3.40 12.53 28.68
CA LYS B 360 -2.59 13.14 29.72
C LYS B 360 -1.50 14.04 29.14
N TYR B 361 -0.92 13.63 28.01
CA TYR B 361 0.24 14.32 27.44
C TYR B 361 -0.11 15.33 26.36
N ILE B 362 -1.22 15.13 25.64
CA ILE B 362 -1.62 16.01 24.54
C ILE B 362 -2.86 16.83 24.90
N LEU B 363 -3.96 16.17 25.26
CA LEU B 363 -5.23 16.86 25.39
C LEU B 363 -5.24 17.84 26.56
N ILE B 364 -4.71 17.44 27.71
CA ILE B 364 -4.74 18.31 28.89
C ILE B 364 -3.92 19.57 28.68
N PRO B 365 -2.70 19.54 28.12
CA PRO B 365 -1.97 20.79 27.88
C PRO B 365 -2.67 21.74 26.93
N ALA B 366 -3.61 21.26 26.10
CA ALA B 366 -4.25 22.13 25.13
C ALA B 366 -5.05 23.24 25.78
N SER B 367 -5.55 23.01 27.00
CA SER B 367 -6.28 24.04 27.73
C SER B 367 -6.24 23.76 29.23
N GLY B 389 -2.89 18.37 19.44
CA GLY B 389 -4.15 18.41 18.72
C GLY B 389 -5.08 17.28 19.10
N THR B 390 -6.27 17.27 18.51
CA THR B 390 -7.27 16.25 18.79
C THR B 390 -7.58 15.36 17.60
N ASP B 391 -7.01 15.64 16.42
CA ASP B 391 -7.20 14.73 15.29
C ASP B 391 -6.55 13.38 15.56
N LEU B 392 -5.48 13.36 16.35
CA LEU B 392 -4.87 12.10 16.78
C LEU B 392 -5.82 11.32 17.68
N MET B 393 -6.62 12.02 18.49
CA MET B 393 -7.46 11.36 19.48
C MET B 393 -8.51 10.48 18.82
N ASN B 394 -9.33 11.07 17.94
CA ASN B 394 -10.39 10.30 17.28
C ASN B 394 -9.84 9.24 16.34
N PHE B 395 -8.59 9.37 15.90
CA PHE B 395 -7.94 8.27 15.20
C PHE B 395 -7.76 7.07 16.14
N LEU B 396 -7.21 7.32 17.33
CA LEU B 396 -6.98 6.25 18.29
C LEU B 396 -8.29 5.64 18.78
N LYS B 397 -9.35 6.45 18.85
CA LYS B 397 -10.66 5.90 19.20
C LYS B 397 -11.16 4.95 18.12
N THR B 398 -10.83 5.20 16.86
CA THR B 398 -11.26 4.32 15.77
C THR B 398 -10.47 3.03 15.74
N VAL B 399 -9.19 3.06 16.11
CA VAL B 399 -8.41 1.83 16.15
C VAL B 399 -8.83 0.95 17.32
N ARG B 400 -9.20 1.57 18.45
CA ARG B 400 -9.72 0.81 19.57
C ARG B 400 -11.12 0.26 19.26
N SER B 401 -11.99 1.11 18.70
CA SER B 401 -13.35 0.69 18.40
C SER B 401 -13.35 -0.48 17.41
N THR B 402 -12.53 -0.39 16.36
CA THR B 402 -12.45 -1.49 15.40
C THR B 402 -11.99 -2.78 16.07
N THR B 403 -11.06 -2.67 17.01
CA THR B 403 -10.55 -3.87 17.69
C THR B 403 -11.58 -4.43 18.66
N GLU B 404 -12.31 -3.56 19.37
CA GLU B 404 -13.29 -4.05 20.34
C GLU B 404 -14.47 -4.70 19.65
N LYS B 405 -14.81 -4.27 18.44
CA LYS B 405 -15.88 -4.90 17.66
C LYS B 405 -15.43 -6.17 16.96
N SER B 406 -14.17 -6.57 17.10
CA SER B 406 -13.67 -7.80 16.51
C SER B 406 -13.83 -9.01 17.43
N LEU B 407 -14.19 -8.80 18.69
CA LEU B 407 -14.39 -9.91 19.60
C LEU B 407 -15.53 -10.80 19.13
N LEU B 408 -15.34 -12.11 19.27
CA LEU B 408 -16.36 -13.06 18.81
C LEU B 408 -17.46 -13.22 19.85
N LYS B 409 -17.14 -13.82 20.99
CA LYS B 409 -18.11 -14.00 22.06
C LYS B 409 -18.23 -12.71 22.88
#